data_7B27
#
_entry.id   7B27
#
_cell.length_a   63.290
_cell.length_b   63.290
_cell.length_c   411.910
_cell.angle_alpha   90.000
_cell.angle_beta   90.000
_cell.angle_gamma   90.000
#
_symmetry.space_group_name_H-M   'P 43 21 2'
#
loop_
_entity.id
_entity.type
_entity.pdbx_description
1 polymer 'Surface glycoprotein'
2 polymer 'neutralizing nanobody NM1230'
3 non-polymer 2-acetamido-2-deoxy-beta-D-glucopyranose
#
loop_
_entity_poly.entity_id
_entity_poly.type
_entity_poly.pdbx_seq_one_letter_code
_entity_poly.pdbx_strand_id
1 'polypeptide(L)'
;RVQPTESIVRFPNITNLCPFGEVFNATRFASVYAWNRKRISNCVADYSVLYNSASFSTFKCYGVSPTKLNDLCFTNVYAD
SFVIRGDEVRQIAPGQTGKIADYNYKLPDDFTGCVIAWNSNNLDSKVGGNYNYLYRLFRKSNLKPFERDISTEIYQAGST
PCNGVEGFNCYFPLQSYGFQPTNGVGYQPYRVVVLSFELLHAPATVCGPKKSTNLVKNKCVN
;
AAA,aba
2 'polypeptide(L)'
;QVQLVESGGGLVRPGGSLRLSCVGSGFTFSGYAMNWYRQAPGKALELVAGISNAGDLTHYEEPMKGRVAISRANDKNTVY
LQMDDLKPEDTAVYRCHAPGVRVGTGERKDVWGQGAQVTVSSEQKLISEEDLKKKHHHHHH
;
CCC,DDD
#
loop_
_chem_comp.id
_chem_comp.type
_chem_comp.name
_chem_comp.formula
NAG D-saccharide, beta linking 2-acetamido-2-deoxy-beta-D-glucopyranose 'C8 H15 N O6'
#
# COMPACT_ATOMS: atom_id res chain seq x y z
N LEU A 17 38.82 -13.01 15.34
CA LEU A 17 38.99 -11.55 15.66
C LEU A 17 37.60 -10.93 15.91
N CYS A 18 37.51 -10.05 16.91
CA CYS A 18 36.28 -9.30 17.30
C CYS A 18 35.68 -8.58 16.09
N PRO A 19 34.33 -8.53 15.96
CA PRO A 19 33.69 -7.79 14.88
C PRO A 19 33.53 -6.29 15.22
N PHE A 20 34.63 -5.54 15.17
CA PHE A 20 34.67 -4.06 15.36
C PHE A 20 34.38 -3.37 14.02
N GLY A 21 34.82 -3.97 12.90
CA GLY A 21 34.58 -3.48 11.54
C GLY A 21 33.10 -3.34 11.22
N GLU A 22 32.27 -4.24 11.76
CA GLU A 22 30.79 -4.26 11.56
C GLU A 22 30.15 -3.00 12.14
N VAL A 23 30.69 -2.47 13.24
CA VAL A 23 30.11 -1.32 14.00
C VAL A 23 30.81 -0.02 13.58
N PHE A 24 32.15 -0.03 13.49
CA PHE A 24 32.98 1.15 13.13
C PHE A 24 32.82 1.47 11.64
N ASN A 25 33.02 0.47 10.76
CA ASN A 25 32.99 0.64 9.28
C ASN A 25 31.60 0.24 8.75
N ALA A 26 30.53 0.56 9.50
CA ALA A 26 29.11 0.34 9.09
C ALA A 26 28.76 1.34 7.98
N THR A 27 27.83 0.97 7.10
CA THR A 27 27.36 1.79 5.94
C THR A 27 26.58 3.00 6.45
N ARG A 28 25.55 2.77 7.26
CA ARG A 28 24.66 3.83 7.83
C ARG A 28 24.53 3.63 9.34
N PHE A 29 24.83 4.69 10.11
CA PHE A 29 24.70 4.73 11.60
C PHE A 29 23.28 5.20 11.96
N ALA A 30 22.88 4.95 13.21
CA ALA A 30 21.57 5.33 13.78
C ALA A 30 21.63 6.76 14.31
N SER A 31 20.46 7.32 14.68
CA SER A 31 20.31 8.64 15.34
C SER A 31 20.72 8.53 16.80
N VAL A 32 21.07 9.65 17.44
CA VAL A 32 21.54 9.72 18.85
C VAL A 32 20.41 9.24 19.79
N TYR A 33 19.15 9.54 19.46
CA TYR A 33 17.97 9.20 20.29
C TYR A 33 17.65 7.70 20.16
N ALA A 34 18.00 7.08 19.02
CA ALA A 34 17.74 5.66 18.71
C ALA A 34 19.08 4.92 18.50
N TRP A 35 20.04 5.16 19.39
CA TRP A 35 21.43 4.61 19.35
C TRP A 35 21.40 3.08 19.29
N ASN A 36 22.07 2.50 18.28
CA ASN A 36 22.24 1.03 18.11
C ASN A 36 23.31 0.54 19.09
N ARG A 37 23.04 -0.58 19.77
CA ARG A 37 23.98 -1.23 20.73
C ARG A 37 24.34 -2.62 20.20
N LYS A 38 25.64 -2.91 20.08
CA LYS A 38 26.20 -4.24 19.69
C LYS A 38 26.77 -4.92 20.94
N ARG A 39 26.79 -6.25 20.96
CA ARG A 39 27.37 -7.08 22.06
C ARG A 39 28.60 -7.82 21.53
N ILE A 40 29.79 -7.31 21.84
CA ILE A 40 31.10 -7.94 21.49
C ILE A 40 31.49 -8.90 22.62
N SER A 41 31.58 -10.21 22.32
CA SER A 41 31.94 -11.27 23.30
C SER A 41 32.47 -12.52 22.58
N ASN A 42 33.38 -13.24 23.24
CA ASN A 42 33.97 -14.55 22.80
C ASN A 42 34.74 -14.33 21.50
N CYS A 43 35.78 -13.50 21.56
CA CYS A 43 36.60 -13.05 20.39
C CYS A 43 37.83 -12.28 20.85
N VAL A 44 38.85 -12.20 19.99
CA VAL A 44 40.10 -11.42 20.20
C VAL A 44 39.81 -9.94 19.90
N ALA A 45 40.08 -9.05 20.85
CA ALA A 45 39.87 -7.59 20.72
C ALA A 45 41.18 -6.91 20.30
N ASP A 46 41.37 -6.75 18.98
CA ASP A 46 42.54 -6.04 18.39
C ASP A 46 42.31 -4.54 18.48
N TYR A 47 42.93 -3.89 19.48
CA TYR A 47 42.82 -2.43 19.75
C TYR A 47 43.91 -1.67 18.97
N SER A 48 44.76 -2.38 18.22
CA SER A 48 45.84 -1.81 17.38
C SER A 48 45.23 -0.91 16.30
N VAL A 49 44.27 -1.45 15.53
CA VAL A 49 43.53 -0.72 14.45
C VAL A 49 42.94 0.58 15.01
N LEU A 50 42.46 0.58 16.25
CA LEU A 50 41.86 1.77 16.91
C LEU A 50 42.97 2.75 17.29
N TYR A 51 44.11 2.26 17.78
CA TYR A 51 45.31 3.07 18.15
C TYR A 51 45.87 3.75 16.89
N ASN A 52 46.43 2.97 15.97
CA ASN A 52 47.10 3.47 14.73
C ASN A 52 46.02 3.85 13.71
N SER A 53 45.33 4.97 13.96
CA SER A 53 44.25 5.53 13.10
C SER A 53 44.20 7.05 13.28
N ALA A 54 44.60 7.80 12.25
CA ALA A 54 44.66 9.28 12.22
C ALA A 54 43.28 9.87 11.91
N SER A 55 42.32 9.03 11.52
CA SER A 55 40.92 9.42 11.19
C SER A 55 40.16 9.82 12.46
N PHE A 56 40.42 9.13 13.58
CA PHE A 56 39.70 9.27 14.87
C PHE A 56 40.04 10.63 15.50
N SER A 57 39.07 11.56 15.48
CA SER A 57 39.18 12.92 16.08
C SER A 57 39.28 12.81 17.61
N THR A 58 38.32 12.12 18.23
CA THR A 58 38.24 11.89 19.70
C THR A 58 38.51 10.40 20.00
N PHE A 59 39.32 10.13 21.02
CA PHE A 59 39.58 8.78 21.59
C PHE A 59 39.97 8.96 23.07
N LYS A 60 38.96 9.09 23.92
CA LYS A 60 39.10 9.29 25.40
C LYS A 60 38.48 8.09 26.12
N CYS A 61 39.17 7.57 27.13
CA CYS A 61 38.69 6.44 27.99
C CYS A 61 38.46 6.94 29.41
N TYR A 62 37.56 6.28 30.14
CA TYR A 62 37.18 6.60 31.55
C TYR A 62 37.26 5.31 32.38
N GLY A 63 37.94 5.38 33.53
CA GLY A 63 38.10 4.24 34.47
C GLY A 63 39.05 3.18 33.94
N VAL A 64 39.80 3.49 32.87
CA VAL A 64 40.80 2.61 32.22
C VAL A 64 41.86 3.50 31.57
N SER A 65 42.83 2.91 30.87
CA SER A 65 43.93 3.64 30.16
C SER A 65 43.91 3.26 28.68
N PRO A 66 43.70 4.23 27.75
CA PRO A 66 43.71 3.93 26.31
C PRO A 66 44.99 3.20 25.89
N THR A 67 46.16 3.78 26.20
CA THR A 67 47.50 3.28 25.80
C THR A 67 47.66 1.78 26.14
N LYS A 68 47.01 1.32 27.22
CA LYS A 68 47.06 -0.10 27.68
C LYS A 68 45.64 -0.68 27.76
N LEU A 69 45.06 -1.04 26.61
CA LEU A 69 43.78 -1.80 26.52
C LEU A 69 44.06 -3.28 26.23
N ASN A 70 45.14 -3.58 25.52
CA ASN A 70 45.61 -4.96 25.21
C ASN A 70 46.05 -5.67 26.49
N ASP A 71 46.30 -4.91 27.57
CA ASP A 71 46.76 -5.43 28.89
C ASP A 71 45.56 -5.62 29.83
N LEU A 72 44.36 -5.85 29.28
CA LEU A 72 43.09 -5.97 30.05
C LEU A 72 42.17 -7.01 29.41
N CYS A 73 41.25 -7.57 30.20
CA CYS A 73 40.25 -8.59 29.79
C CYS A 73 38.93 -8.35 30.53
N PHE A 74 37.83 -8.26 29.78
CA PHE A 74 36.46 -7.96 30.29
C PHE A 74 35.50 -9.10 29.86
N THR A 75 34.44 -9.30 30.65
CA THR A 75 33.45 -10.40 30.48
C THR A 75 32.33 -9.97 29.52
N ASN A 76 32.29 -8.69 29.11
CA ASN A 76 31.33 -8.14 28.12
C ASN A 76 31.78 -6.74 27.69
N VAL A 77 31.54 -6.39 26.42
CA VAL A 77 31.92 -5.08 25.81
C VAL A 77 30.75 -4.61 24.92
N TYR A 78 29.95 -3.67 25.43
CA TYR A 78 28.77 -3.07 24.74
C TYR A 78 29.25 -1.90 23.87
N ALA A 79 29.28 -2.10 22.55
CA ALA A 79 29.72 -1.10 21.54
C ALA A 79 28.52 -0.33 21.00
N ASP A 80 28.16 0.78 21.67
CA ASP A 80 27.06 1.69 21.28
C ASP A 80 27.60 2.64 20.18
N SER A 81 26.78 2.95 19.18
CA SER A 81 27.13 3.81 18.02
C SER A 81 25.94 4.69 17.63
N PHE A 82 26.22 5.91 17.14
CA PHE A 82 25.22 6.91 16.70
C PHE A 82 25.93 8.09 16.04
N VAL A 83 25.16 9.04 15.50
CA VAL A 83 25.66 10.29 14.83
C VAL A 83 25.14 11.50 15.63
N ILE A 84 26.01 12.49 15.87
CA ILE A 84 25.68 13.80 16.51
C ILE A 84 26.51 14.89 15.83
N ARG A 85 26.32 16.16 16.25
CA ARG A 85 27.15 17.31 15.81
C ARG A 85 28.51 17.25 16.53
N GLY A 86 29.52 17.93 15.97
CA GLY A 86 30.87 18.02 16.52
C GLY A 86 30.91 18.74 17.86
N ASP A 87 30.07 19.76 18.04
CA ASP A 87 29.98 20.59 19.27
C ASP A 87 29.26 19.82 20.38
N GLU A 88 28.63 18.68 20.05
CA GLU A 88 27.85 17.83 21.00
C GLU A 88 28.67 16.61 21.43
N VAL A 89 29.89 16.45 20.90
CA VAL A 89 30.80 15.29 21.22
C VAL A 89 31.30 15.44 22.66
N ARG A 90 31.47 16.68 23.13
CA ARG A 90 31.91 17.01 24.52
C ARG A 90 30.85 16.57 25.54
N GLN A 91 29.57 16.51 25.15
CA GLN A 91 28.44 16.08 26.02
C GLN A 91 28.53 14.57 26.29
N ILE A 92 29.08 13.80 25.33
CA ILE A 92 29.23 12.32 25.44
C ILE A 92 30.34 12.04 26.47
N ALA A 93 30.00 12.15 27.76
CA ALA A 93 30.92 11.93 28.91
C ALA A 93 30.12 11.79 30.20
N PRO A 94 30.70 11.19 31.27
CA PRO A 94 30.00 11.04 32.54
C PRO A 94 29.67 12.39 33.20
N GLY A 95 28.49 12.49 33.83
CA GLY A 95 28.02 13.68 34.55
C GLY A 95 28.14 14.95 33.71
N GLN A 96 27.36 15.05 32.64
CA GLN A 96 27.34 16.21 31.71
C GLN A 96 25.92 16.79 31.65
N THR A 97 25.76 17.92 30.94
CA THR A 97 24.48 18.65 30.74
C THR A 97 24.31 18.93 29.25
N GLY A 98 23.08 19.25 28.81
CA GLY A 98 22.73 19.58 27.43
C GLY A 98 21.79 18.55 26.83
N LYS A 99 21.07 18.93 25.76
CA LYS A 99 19.96 18.15 25.15
C LYS A 99 20.39 16.68 24.96
N ILE A 100 21.61 16.45 24.44
CA ILE A 100 22.14 15.10 24.08
C ILE A 100 22.28 14.25 25.36
N ALA A 101 23.22 14.60 26.24
CA ALA A 101 23.52 13.85 27.49
C ALA A 101 22.53 14.24 28.58
N ASP A 102 21.24 13.98 28.35
CA ASP A 102 20.10 14.35 29.24
C ASP A 102 18.79 13.80 28.65
N TYR A 103 18.58 13.94 27.34
CA TYR A 103 17.36 13.48 26.61
C TYR A 103 17.67 12.36 25.61
N ASN A 104 18.92 12.24 25.12
CA ASN A 104 19.26 11.36 23.97
C ASN A 104 20.18 10.20 24.41
N TYR A 105 21.35 10.49 24.97
CA TYR A 105 22.37 9.48 25.37
C TYR A 105 23.12 9.93 26.63
N LYS A 106 22.73 9.41 27.79
CA LYS A 106 23.38 9.68 29.11
C LYS A 106 24.20 8.45 29.53
N LEU A 107 25.37 8.69 30.13
CA LEU A 107 26.27 7.66 30.70
C LEU A 107 26.26 7.77 32.23
N PRO A 108 26.55 6.67 32.96
CA PRO A 108 26.61 6.73 34.42
C PRO A 108 27.83 7.51 34.92
N ASP A 109 27.76 8.04 36.15
CA ASP A 109 28.83 8.84 36.81
C ASP A 109 30.07 7.96 36.98
N ASP A 110 29.87 6.69 37.33
CA ASP A 110 30.95 5.66 37.50
C ASP A 110 31.03 4.81 36.23
N PHE A 111 31.17 5.44 35.07
CA PHE A 111 31.28 4.80 33.74
C PHE A 111 32.69 4.22 33.57
N THR A 112 32.78 3.02 32.97
CA THR A 112 34.05 2.33 32.65
C THR A 112 34.04 1.94 31.16
N GLY A 113 34.85 2.63 30.35
CA GLY A 113 34.95 2.38 28.89
C GLY A 113 35.68 3.51 28.17
N CYS A 114 35.36 3.69 26.89
CA CYS A 114 35.98 4.70 25.99
C CYS A 114 34.90 5.37 25.13
N VAL A 115 35.18 6.59 24.66
CA VAL A 115 34.33 7.37 23.72
C VAL A 115 35.17 7.68 22.47
N ILE A 116 34.84 7.04 21.35
CA ILE A 116 35.51 7.24 20.02
C ILE A 116 34.57 8.06 19.14
N ALA A 117 35.12 8.92 18.28
CA ALA A 117 34.36 9.78 17.34
C ALA A 117 35.27 10.30 16.22
N TRP A 118 34.73 10.46 15.01
CA TRP A 118 35.44 11.00 13.82
C TRP A 118 34.47 11.82 12.96
N ASN A 119 34.96 12.91 12.38
CA ASN A 119 34.20 13.82 11.47
C ASN A 119 33.75 13.01 10.23
N SER A 120 32.46 12.72 10.14
CA SER A 120 31.83 11.91 9.06
C SER A 120 31.00 12.81 8.14
N ASN A 121 31.57 13.94 7.71
CA ASN A 121 30.92 14.95 6.84
C ASN A 121 30.90 14.46 5.39
N ASN A 122 31.75 13.47 5.05
CA ASN A 122 31.94 12.97 3.67
C ASN A 122 30.84 11.96 3.30
N LEU A 123 30.18 11.35 4.30
CA LEU A 123 29.21 10.22 4.07
C LEU A 123 27.95 10.37 4.92
N ASP A 124 27.78 11.47 5.67
CA ASP A 124 26.53 11.75 6.45
C ASP A 124 25.98 13.15 6.10
N SER A 125 26.67 13.91 5.24
CA SER A 125 26.19 15.23 4.73
C SER A 125 25.61 15.05 3.31
N LYS A 126 24.60 15.85 2.98
CA LYS A 126 23.87 15.80 1.68
C LYS A 126 23.52 17.23 1.25
N VAL A 127 23.60 17.52 -0.04
CA VAL A 127 23.48 18.90 -0.62
C VAL A 127 22.17 19.52 -0.12
N GLY A 128 21.06 18.77 -0.19
CA GLY A 128 19.72 19.21 0.24
C GLY A 128 19.53 19.08 1.74
N GLY A 129 20.37 18.28 2.40
CA GLY A 129 20.35 18.04 3.86
C GLY A 129 20.02 16.58 4.17
N ASN A 130 20.76 15.97 5.09
CA ASN A 130 20.59 14.55 5.51
C ASN A 130 19.54 14.50 6.64
N TYR A 131 18.32 14.07 6.31
CA TYR A 131 17.15 14.03 7.23
C TYR A 131 16.89 12.58 7.65
N ASN A 132 17.94 11.76 7.72
CA ASN A 132 17.93 10.41 8.34
C ASN A 132 18.22 10.54 9.84
N TYR A 133 19.04 11.54 10.22
CA TYR A 133 19.55 11.76 11.61
C TYR A 133 18.70 12.81 12.32
N LEU A 134 18.11 12.43 13.45
CA LEU A 134 17.29 13.32 14.33
C LEU A 134 17.86 13.29 15.75
N TYR A 135 17.23 14.04 16.67
CA TYR A 135 17.59 14.08 18.11
C TYR A 135 16.40 14.64 18.91
N ARG A 136 16.17 14.11 20.10
CA ARG A 136 15.10 14.55 21.04
C ARG A 136 15.63 15.75 21.85
N LEU A 137 14.90 16.88 21.81
CA LEU A 137 15.27 18.13 22.51
C LEU A 137 14.21 18.49 23.57
N PHE A 138 13.18 17.64 23.74
CA PHE A 138 12.08 17.81 24.73
C PHE A 138 11.87 16.49 25.49
N ARG A 139 11.83 16.56 26.82
CA ARG A 139 11.58 15.39 27.71
C ARG A 139 11.17 15.88 29.10
N LYS A 140 10.11 15.29 29.67
CA LYS A 140 9.54 15.66 30.99
C LYS A 140 10.52 15.29 32.10
N SER A 141 11.17 14.12 31.97
CA SER A 141 12.22 13.60 32.89
C SER A 141 13.58 13.63 32.20
N ASN A 142 14.65 13.35 32.96
CA ASN A 142 16.03 13.21 32.44
C ASN A 142 16.32 11.73 32.18
N LEU A 143 16.90 11.43 31.02
CA LEU A 143 17.24 10.06 30.55
C LEU A 143 18.19 9.42 31.57
N LYS A 144 17.85 8.23 32.09
CA LYS A 144 18.67 7.48 33.07
C LYS A 144 19.90 6.90 32.36
N PRO A 145 20.97 6.52 33.09
CA PRO A 145 22.15 5.92 32.47
C PRO A 145 21.82 4.76 31.53
N PHE A 146 22.26 4.87 30.26
CA PHE A 146 22.12 3.84 29.19
C PHE A 146 20.63 3.59 28.85
N GLU A 147 19.73 4.49 29.24
CA GLU A 147 18.29 4.42 28.89
C GLU A 147 18.12 4.86 27.43
N ARG A 148 17.17 4.27 26.71
CA ARG A 148 16.86 4.60 25.29
C ARG A 148 15.36 4.90 25.17
N ASP A 149 15.02 6.06 24.59
CA ASP A 149 13.63 6.48 24.27
C ASP A 149 13.54 6.68 22.76
N ILE A 150 12.74 5.87 22.07
CA ILE A 150 12.45 5.98 20.60
C ILE A 150 11.01 6.45 20.40
N SER A 151 10.28 6.72 21.49
CA SER A 151 8.86 7.15 21.49
C SER A 151 8.72 8.51 20.79
N THR A 152 7.54 8.79 20.24
CA THR A 152 7.22 10.04 19.49
C THR A 152 5.88 10.59 19.99
N GLU A 153 5.73 10.73 21.31
CA GLU A 153 4.52 11.30 21.97
C GLU A 153 4.71 12.82 22.14
N ILE A 154 3.65 13.59 21.90
CA ILE A 154 3.64 15.08 21.98
C ILE A 154 4.03 15.47 23.42
N TYR A 155 5.06 16.32 23.56
CA TYR A 155 5.61 16.80 24.85
C TYR A 155 4.76 17.96 25.37
N GLN A 156 4.52 18.00 26.69
CA GLN A 156 3.78 19.07 27.40
C GLN A 156 4.78 20.04 28.04
N ALA A 157 4.99 21.20 27.42
CA ALA A 157 5.87 22.29 27.90
C ALA A 157 5.09 23.22 28.85
N GLY A 158 3.77 23.35 28.64
CA GLY A 158 2.89 24.27 29.38
C GLY A 158 2.23 23.59 30.58
N SER A 159 1.23 24.25 31.17
CA SER A 159 0.46 23.79 32.35
C SER A 159 -0.68 22.87 31.90
N THR A 160 -1.33 23.20 30.78
CA THR A 160 -2.52 22.49 30.23
C THR A 160 -2.07 21.21 29.52
N PRO A 161 -2.88 20.13 29.53
CA PRO A 161 -2.55 18.90 28.81
C PRO A 161 -2.59 19.09 27.28
N CYS A 162 -1.95 18.18 26.54
CA CYS A 162 -1.88 18.16 25.06
C CYS A 162 -3.00 17.28 24.49
N ASN A 163 -3.22 16.10 25.10
CA ASN A 163 -4.22 15.07 24.69
C ASN A 163 -3.76 14.42 23.37
N GLY A 164 -2.45 14.28 23.17
CA GLY A 164 -1.84 13.67 21.97
C GLY A 164 -2.08 14.49 20.71
N VAL A 165 -2.35 15.79 20.87
CA VAL A 165 -2.57 16.76 19.75
C VAL A 165 -1.53 17.88 19.89
N GLU A 166 -0.85 18.22 18.78
CA GLU A 166 0.20 19.27 18.72
C GLU A 166 -0.48 20.64 18.63
N GLY A 167 -0.04 21.60 19.46
CA GLY A 167 -0.62 22.96 19.54
C GLY A 167 0.26 23.91 20.33
N PHE A 168 -0.35 24.68 21.23
CA PHE A 168 0.33 25.72 22.06
C PHE A 168 0.93 25.07 23.31
N ASN A 169 2.24 25.21 23.48
CA ASN A 169 3.04 24.61 24.59
C ASN A 169 2.97 23.08 24.51
N CYS A 170 2.71 22.55 23.30
CA CYS A 170 2.53 21.10 23.01
C CYS A 170 3.07 20.81 21.60
N TYR A 171 4.27 20.21 21.51
CA TYR A 171 4.98 19.98 20.22
C TYR A 171 5.67 18.61 20.22
N PHE A 172 6.10 18.19 19.01
CA PHE A 172 6.82 16.93 18.72
C PHE A 172 8.17 16.96 19.43
N PRO A 173 8.60 15.86 20.09
CA PRO A 173 9.85 15.86 20.86
C PRO A 173 11.12 15.81 19.99
N LEU A 174 11.05 15.15 18.83
CA LEU A 174 12.20 14.94 17.92
C LEU A 174 12.42 16.19 17.06
N GLN A 175 13.69 16.45 16.71
CA GLN A 175 14.13 17.57 15.84
C GLN A 175 15.22 17.03 14.91
N SER A 176 15.12 17.32 13.60
CA SER A 176 16.08 16.86 12.56
C SER A 176 17.38 17.67 12.65
N TYR A 177 18.52 17.00 12.49
CA TYR A 177 19.84 17.64 12.25
C TYR A 177 19.88 18.13 10.80
N GLY A 178 20.30 19.39 10.60
CA GLY A 178 20.57 19.95 9.26
C GLY A 178 21.51 19.05 8.47
N PHE A 179 22.78 19.00 8.88
CA PHE A 179 23.89 18.27 8.20
C PHE A 179 23.89 18.62 6.71
N GLN A 180 23.72 19.92 6.40
CA GLN A 180 23.93 20.49 5.05
C GLN A 180 25.43 20.77 4.89
N PRO A 181 25.96 20.83 3.65
CA PRO A 181 27.36 21.20 3.43
C PRO A 181 27.70 22.55 4.08
N THR A 182 28.51 22.53 5.13
CA THR A 182 29.05 23.72 5.85
C THR A 182 30.56 23.57 6.00
N ASN A 183 31.24 24.62 6.46
CA ASN A 183 32.71 24.66 6.67
C ASN A 183 33.04 24.48 8.16
N GLY A 184 32.08 24.72 9.05
CA GLY A 184 32.25 24.65 10.51
C GLY A 184 32.13 23.22 11.03
N VAL A 185 33.24 22.64 11.48
CA VAL A 185 33.33 21.24 12.01
C VAL A 185 32.41 21.09 13.23
N GLY A 186 32.20 22.17 13.99
CA GLY A 186 31.29 22.21 15.15
C GLY A 186 29.87 21.80 14.77
N TYR A 187 29.40 22.23 13.59
CA TYR A 187 28.02 21.99 13.08
C TYR A 187 28.03 20.89 12.00
N GLN A 188 29.08 20.05 11.96
CA GLN A 188 29.22 18.93 11.01
C GLN A 188 28.87 17.62 11.71
N PRO A 189 28.40 16.58 10.98
CA PRO A 189 28.05 15.31 11.58
C PRO A 189 29.29 14.49 11.99
N TYR A 190 29.27 13.91 13.20
CA TYR A 190 30.33 13.06 13.79
C TYR A 190 29.74 11.68 14.13
N ARG A 191 30.43 10.61 13.71
CA ARG A 191 30.09 9.20 14.07
C ARG A 191 30.78 8.86 15.40
N VAL A 192 29.99 8.72 16.47
CA VAL A 192 30.48 8.42 17.85
C VAL A 192 30.27 6.94 18.14
N VAL A 193 31.23 6.30 18.81
CA VAL A 193 31.18 4.88 19.28
C VAL A 193 31.62 4.86 20.75
N VAL A 194 30.76 4.36 21.64
CA VAL A 194 31.00 4.28 23.11
C VAL A 194 31.23 2.81 23.48
N LEU A 195 32.49 2.42 23.67
CA LEU A 195 32.90 1.03 24.02
C LEU A 195 32.83 0.84 25.54
N SER A 196 31.64 0.55 26.07
CA SER A 196 31.38 0.31 27.51
C SER A 196 31.76 -1.13 27.87
N PHE A 197 32.80 -1.30 28.71
CA PHE A 197 33.34 -2.62 29.13
C PHE A 197 32.65 -3.07 30.43
N GLU A 198 32.63 -4.39 30.67
CA GLU A 198 32.07 -5.03 31.88
C GLU A 198 32.97 -6.19 32.30
N HIS A 201 33.27 -10.56 37.82
CA HIS A 201 33.47 -11.93 38.38
C HIS A 201 32.72 -12.96 37.52
N ALA A 202 33.26 -13.23 36.33
CA ALA A 202 32.78 -14.20 35.32
C ALA A 202 33.90 -14.45 34.32
N PRO A 203 33.83 -15.52 33.49
CA PRO A 203 34.89 -15.77 32.50
C PRO A 203 35.08 -14.60 31.53
N ALA A 204 36.26 -13.97 31.56
CA ALA A 204 36.65 -12.85 30.68
C ALA A 204 36.72 -13.36 29.23
N THR A 205 35.77 -12.94 28.39
CA THR A 205 35.52 -13.48 27.03
C THR A 205 36.31 -12.68 26.00
N VAL A 206 36.10 -11.36 25.94
CA VAL A 206 36.83 -10.42 25.03
C VAL A 206 38.16 -10.07 25.71
N CYS A 207 39.27 -10.37 25.03
CA CYS A 207 40.66 -10.31 25.57
C CYS A 207 41.59 -9.67 24.53
N GLY A 208 42.83 -9.37 24.94
CA GLY A 208 43.91 -8.91 24.04
C GLY A 208 44.38 -10.04 23.13
N PRO A 209 45.37 -9.77 22.24
CA PRO A 209 45.87 -10.79 21.32
C PRO A 209 46.85 -11.78 21.97
N LYS A 210 47.32 -11.46 23.18
CA LYS A 210 48.29 -12.28 23.97
C LYS A 210 47.53 -13.03 25.08
N LYS A 211 46.66 -12.32 25.81
CA LYS A 211 45.87 -12.85 26.95
C LYS A 211 44.83 -13.87 26.46
N SER A 212 44.46 -13.83 25.18
CA SER A 212 43.48 -14.75 24.53
C SER A 212 43.61 -16.16 25.10
N THR A 213 42.58 -16.65 25.78
CA THR A 213 42.53 -17.96 26.48
C THR A 213 42.23 -19.07 25.46
N ASN A 214 43.08 -19.19 24.43
CA ASN A 214 42.98 -20.20 23.32
C ASN A 214 41.58 -20.17 22.71
N LEU A 215 41.02 -18.96 22.53
CA LEU A 215 39.67 -18.72 21.92
C LEU A 215 39.82 -18.09 20.53
N VAL A 216 41.06 -17.81 20.11
CA VAL A 216 41.39 -17.20 18.78
C VAL A 216 41.14 -18.22 17.67
N LYS A 217 41.06 -19.51 18.01
CA LYS A 217 40.88 -20.65 17.06
C LYS A 217 39.48 -21.26 17.26
N ASN A 218 38.52 -20.44 17.70
CA ASN A 218 37.09 -20.82 17.89
C ASN A 218 36.33 -20.60 16.56
N LYS A 219 37.03 -20.12 15.52
CA LYS A 219 36.44 -19.69 14.23
C LYS A 219 35.35 -18.65 14.53
N CYS A 220 35.74 -17.49 15.09
CA CYS A 220 34.86 -16.40 15.55
C CYS A 220 34.02 -15.87 14.37
N CYS B 18 -28.23 6.16 7.31
CA CYS B 18 -28.01 5.93 5.85
C CYS B 18 -28.02 4.43 5.54
N PRO B 19 -28.70 3.99 4.46
CA PRO B 19 -28.76 2.57 4.12
C PRO B 19 -27.46 2.06 3.47
N PHE B 20 -26.47 1.70 4.28
CA PHE B 20 -25.22 1.02 3.87
C PHE B 20 -25.45 -0.50 3.89
N GLY B 21 -26.27 -0.98 4.83
CA GLY B 21 -26.66 -2.41 4.95
C GLY B 21 -27.23 -2.95 3.65
N GLU B 22 -27.98 -2.14 2.91
CA GLU B 22 -28.65 -2.53 1.63
C GLU B 22 -27.61 -2.76 0.53
N VAL B 23 -26.54 -1.97 0.48
CA VAL B 23 -25.50 -2.01 -0.60
C VAL B 23 -24.40 -3.01 -0.22
N PHE B 24 -24.05 -3.11 1.07
CA PHE B 24 -22.96 -3.98 1.60
C PHE B 24 -23.42 -5.44 1.65
N ASN B 25 -24.61 -5.68 2.20
CA ASN B 25 -25.19 -7.03 2.43
C ASN B 25 -26.10 -7.41 1.25
N ALA B 26 -26.09 -6.64 0.15
CA ALA B 26 -26.88 -6.90 -1.08
C ALA B 26 -26.71 -8.37 -1.50
N THR B 27 -27.81 -9.04 -1.82
CA THR B 27 -27.86 -10.48 -2.17
C THR B 27 -26.93 -10.77 -3.34
N ARG B 28 -27.01 -9.96 -4.41
CA ARG B 28 -26.21 -10.12 -5.65
C ARG B 28 -25.63 -8.76 -6.06
N PHE B 29 -24.37 -8.77 -6.53
CA PHE B 29 -23.61 -7.60 -7.03
C PHE B 29 -23.57 -7.63 -8.56
N ALA B 30 -23.11 -6.54 -9.17
CA ALA B 30 -23.00 -6.35 -10.63
C ALA B 30 -21.55 -6.57 -11.08
N SER B 31 -21.34 -6.76 -12.39
CA SER B 31 -20.01 -6.84 -13.05
C SER B 31 -19.30 -5.48 -12.92
N VAL B 32 -17.96 -5.49 -12.87
CA VAL B 32 -17.12 -4.27 -12.66
C VAL B 32 -17.43 -3.24 -13.77
N TYR B 33 -17.65 -3.70 -15.01
CA TYR B 33 -17.92 -2.84 -16.19
C TYR B 33 -19.30 -2.18 -16.05
N ALA B 34 -20.25 -2.88 -15.45
CA ALA B 34 -21.64 -2.42 -15.20
C ALA B 34 -21.84 -2.12 -13.71
N TRP B 35 -20.83 -1.51 -13.07
CA TRP B 35 -20.80 -1.17 -11.62
C TRP B 35 -22.06 -0.38 -11.23
N ASN B 36 -22.71 -0.78 -10.14
CA ASN B 36 -23.94 -0.15 -9.59
C ASN B 36 -23.55 1.02 -8.67
N ARG B 37 -24.32 2.11 -8.73
CA ARG B 37 -24.11 3.34 -7.91
C ARG B 37 -25.40 3.65 -7.14
N LYS B 38 -25.27 3.90 -5.83
CA LYS B 38 -26.38 4.33 -4.94
C LYS B 38 -26.05 5.69 -4.35
N ARG B 39 -26.89 6.70 -4.60
CA ARG B 39 -26.74 8.09 -4.10
C ARG B 39 -27.40 8.18 -2.71
N ILE B 40 -26.85 7.45 -1.75
CA ILE B 40 -27.26 7.48 -0.31
C ILE B 40 -26.99 8.90 0.20
N SER B 41 -28.05 9.71 0.31
CA SER B 41 -28.02 11.15 0.68
C SER B 41 -29.25 11.49 1.54
N ASN B 42 -29.16 12.55 2.35
CA ASN B 42 -30.16 12.91 3.39
C ASN B 42 -30.30 11.73 4.36
N CYS B 43 -29.39 11.62 5.32
CA CYS B 43 -29.28 10.44 6.23
C CYS B 43 -28.12 10.62 7.21
N VAL B 44 -27.97 9.68 8.15
CA VAL B 44 -27.00 9.71 9.28
C VAL B 44 -26.56 8.26 9.56
N ALA B 45 -25.33 7.91 9.15
CA ALA B 45 -24.73 6.56 9.32
C ALA B 45 -23.41 6.67 10.09
N ASP B 46 -23.00 5.56 10.71
CA ASP B 46 -21.76 5.41 11.51
C ASP B 46 -20.72 4.66 10.67
N TYR B 47 -19.51 5.21 10.57
CA TYR B 47 -18.39 4.69 9.74
C TYR B 47 -17.38 3.94 10.60
N SER B 48 -17.34 4.23 11.91
CA SER B 48 -16.44 3.56 12.89
C SER B 48 -16.84 2.08 13.04
N VAL B 49 -18.15 1.79 13.00
CA VAL B 49 -18.71 0.39 12.99
C VAL B 49 -18.22 -0.34 11.74
N LEU B 50 -18.21 0.33 10.58
CA LEU B 50 -17.71 -0.23 9.29
C LEU B 50 -16.20 -0.48 9.41
N TYR B 51 -15.44 0.52 9.86
CA TYR B 51 -13.96 0.46 10.04
C TYR B 51 -13.60 -0.68 10.99
N ASN B 52 -14.38 -0.85 12.07
CA ASN B 52 -14.14 -1.85 13.15
C ASN B 52 -14.60 -3.24 12.71
N SER B 53 -15.55 -3.33 11.76
CA SER B 53 -16.06 -4.62 11.20
C SER B 53 -14.88 -5.46 10.73
N ALA B 54 -14.75 -6.68 11.27
CA ALA B 54 -13.62 -7.61 11.02
C ALA B 54 -13.98 -8.58 9.88
N SER B 55 -14.69 -8.08 8.86
CA SER B 55 -15.05 -8.81 7.62
C SER B 55 -14.22 -8.29 6.44
N PHE B 56 -14.00 -6.97 6.38
CA PHE B 56 -13.26 -6.27 5.30
C PHE B 56 -11.77 -6.58 5.41
N SER B 57 -11.18 -7.11 4.34
CA SER B 57 -9.72 -7.36 4.21
C SER B 57 -9.02 -6.08 3.73
N THR B 58 -9.74 -5.23 2.99
CA THR B 58 -9.28 -3.92 2.46
C THR B 58 -10.20 -2.81 2.97
N PHE B 59 -9.63 -1.78 3.61
CA PHE B 59 -10.31 -0.53 4.03
C PHE B 59 -9.30 0.62 3.94
N LYS B 60 -9.08 1.12 2.73
CA LYS B 60 -8.12 2.21 2.43
C LYS B 60 -8.92 3.47 2.05
N CYS B 61 -8.50 4.63 2.56
CA CYS B 61 -9.15 5.95 2.31
C CYS B 61 -8.16 6.88 1.58
N TYR B 62 -8.69 7.90 0.91
CA TYR B 62 -7.95 8.90 0.12
C TYR B 62 -8.54 10.29 0.38
N GLY B 63 -7.70 11.26 0.74
CA GLY B 63 -8.11 12.66 1.01
C GLY B 63 -8.90 12.80 2.30
N VAL B 64 -8.85 11.79 3.18
CA VAL B 64 -9.51 11.80 4.53
C VAL B 64 -8.97 10.61 5.34
N SER B 65 -8.80 10.80 6.65
CA SER B 65 -8.33 9.76 7.60
C SER B 65 -9.43 8.73 7.83
N PRO B 66 -9.13 7.41 7.79
CA PRO B 66 -10.15 6.37 7.90
C PRO B 66 -10.83 6.31 9.28
N THR B 67 -10.13 6.76 10.32
CA THR B 67 -10.59 6.78 11.74
C THR B 67 -11.39 8.06 12.03
N LYS B 68 -11.42 9.01 11.09
CA LYS B 68 -12.04 10.35 11.26
C LYS B 68 -13.09 10.57 10.16
N LEU B 69 -13.98 9.62 9.94
CA LEU B 69 -15.04 9.65 8.90
C LEU B 69 -16.32 10.27 9.48
N ASN B 70 -16.62 10.00 10.76
CA ASN B 70 -17.78 10.57 11.48
C ASN B 70 -17.65 12.10 11.55
N ASP B 71 -16.44 12.59 11.88
CA ASP B 71 -16.13 14.02 12.05
C ASP B 71 -15.69 14.60 10.68
N LEU B 72 -16.63 14.68 9.73
CA LEU B 72 -16.36 15.16 8.35
C LEU B 72 -17.62 15.83 7.78
N CYS B 73 -17.42 16.85 6.92
CA CYS B 73 -18.48 17.64 6.24
C CYS B 73 -18.72 17.07 4.84
N PHE B 74 -19.94 16.60 4.57
CA PHE B 74 -20.39 16.02 3.27
C PHE B 74 -21.85 16.40 3.01
N THR B 75 -22.22 16.58 1.73
CA THR B 75 -23.58 16.92 1.26
C THR B 75 -24.21 15.68 0.61
N ASN B 76 -23.56 15.13 -0.41
CA ASN B 76 -23.94 13.89 -1.13
C ASN B 76 -22.83 12.85 -0.99
N VAL B 77 -23.19 11.59 -0.79
CA VAL B 77 -22.25 10.44 -0.65
C VAL B 77 -22.71 9.32 -1.61
N TYR B 78 -21.90 9.02 -2.61
CA TYR B 78 -22.18 7.99 -3.65
C TYR B 78 -21.43 6.70 -3.29
N ALA B 79 -22.18 5.60 -3.15
CA ALA B 79 -21.67 4.25 -2.80
C ALA B 79 -21.71 3.36 -4.05
N ASP B 80 -20.54 3.11 -4.66
CA ASP B 80 -20.39 2.30 -5.90
C ASP B 80 -19.98 0.87 -5.52
N SER B 81 -20.77 -0.11 -5.97
CA SER B 81 -20.58 -1.56 -5.67
C SER B 81 -20.35 -2.35 -6.95
N PHE B 82 -19.43 -3.33 -6.91
CA PHE B 82 -19.08 -4.22 -8.04
C PHE B 82 -18.20 -5.38 -7.53
N VAL B 83 -17.94 -6.37 -8.38
CA VAL B 83 -17.11 -7.57 -8.06
C VAL B 83 -15.93 -7.63 -9.03
N ILE B 84 -14.72 -7.90 -8.50
CA ILE B 84 -13.45 -8.03 -9.27
C ILE B 84 -12.62 -9.17 -8.64
N ARG B 85 -11.42 -9.42 -9.17
CA ARG B 85 -10.44 -10.40 -8.62
C ARG B 85 -9.77 -9.79 -7.38
N GLY B 86 -9.08 -10.63 -6.60
CA GLY B 86 -8.39 -10.25 -5.36
C GLY B 86 -7.19 -9.35 -5.61
N ASP B 87 -6.41 -9.64 -6.67
CA ASP B 87 -5.17 -8.90 -7.03
C ASP B 87 -5.50 -7.68 -7.91
N GLU B 88 -6.78 -7.42 -8.16
CA GLU B 88 -7.27 -6.27 -8.98
C GLU B 88 -7.80 -5.16 -8.08
N VAL B 89 -7.76 -5.33 -6.75
CA VAL B 89 -8.31 -4.35 -5.76
C VAL B 89 -7.33 -3.16 -5.66
N ARG B 90 -6.04 -3.42 -5.88
CA ARG B 90 -4.96 -2.39 -5.94
C ARG B 90 -5.29 -1.35 -7.02
N GLN B 91 -5.94 -1.76 -8.11
CA GLN B 91 -6.32 -0.88 -9.25
C GLN B 91 -7.37 0.15 -8.81
N ILE B 92 -8.23 -0.21 -7.84
CA ILE B 92 -9.32 0.68 -7.33
C ILE B 92 -8.68 1.75 -6.43
N ALA B 93 -8.09 2.78 -7.04
CA ALA B 93 -7.38 3.87 -6.35
C ALA B 93 -7.16 5.05 -7.31
N PRO B 94 -6.96 6.28 -6.79
CA PRO B 94 -6.62 7.44 -7.64
C PRO B 94 -5.28 7.27 -8.36
N GLY B 95 -5.17 7.82 -9.57
CA GLY B 95 -3.95 7.79 -10.41
C GLY B 95 -3.40 6.39 -10.59
N GLN B 96 -4.29 5.40 -10.76
CA GLN B 96 -3.95 3.97 -10.88
C GLN B 96 -4.28 3.49 -12.30
N THR B 97 -3.52 2.51 -12.81
CA THR B 97 -3.57 2.02 -14.21
C THR B 97 -3.75 0.50 -14.22
N GLY B 98 -4.41 -0.03 -15.27
CA GLY B 98 -4.66 -1.46 -15.46
C GLY B 98 -5.89 -1.71 -16.32
N LYS B 99 -6.37 -2.97 -16.37
CA LYS B 99 -7.52 -3.40 -17.21
C LYS B 99 -8.81 -2.86 -16.60
N ILE B 100 -8.98 -3.03 -15.27
CA ILE B 100 -10.16 -2.57 -14.49
C ILE B 100 -10.10 -1.04 -14.34
N ALA B 101 -8.90 -0.48 -14.12
CA ALA B 101 -8.67 0.93 -13.76
C ALA B 101 -9.03 1.87 -14.92
N ASP B 102 -9.16 1.37 -16.15
CA ASP B 102 -9.21 2.22 -17.37
C ASP B 102 -10.36 1.83 -18.32
N TYR B 103 -10.80 0.56 -18.35
CA TYR B 103 -11.90 0.09 -19.24
C TYR B 103 -13.10 -0.39 -18.44
N ASN B 104 -13.07 -0.32 -17.10
CA ASN B 104 -14.16 -0.82 -16.22
C ASN B 104 -14.58 0.26 -15.22
N TYR B 105 -13.77 0.53 -14.19
CA TYR B 105 -14.03 1.53 -13.12
C TYR B 105 -12.79 2.38 -12.87
N LYS B 106 -12.91 3.70 -13.03
CA LYS B 106 -11.81 4.69 -12.84
C LYS B 106 -12.25 5.73 -11.80
N LEU B 107 -11.39 5.99 -10.80
CA LEU B 107 -11.57 7.05 -9.79
C LEU B 107 -10.81 8.30 -10.24
N PRO B 108 -11.26 9.52 -9.86
CA PRO B 108 -10.55 10.75 -10.18
C PRO B 108 -9.24 10.86 -9.39
N ASP B 109 -8.28 11.65 -9.91
CA ASP B 109 -6.93 11.86 -9.30
C ASP B 109 -7.09 12.60 -7.98
N ASP B 110 -8.10 13.47 -7.88
CA ASP B 110 -8.42 14.29 -6.67
C ASP B 110 -9.59 13.64 -5.91
N PHE B 111 -9.62 12.31 -5.84
CA PHE B 111 -10.69 11.51 -5.18
C PHE B 111 -10.62 11.72 -3.67
N THR B 112 -11.79 11.91 -3.04
CA THR B 112 -11.97 12.10 -1.58
C THR B 112 -13.00 11.07 -1.07
N GLY B 113 -12.53 9.90 -0.65
CA GLY B 113 -13.39 8.79 -0.18
C GLY B 113 -12.61 7.57 0.29
N CYS B 114 -13.30 6.44 0.44
CA CYS B 114 -12.77 5.16 0.99
C CYS B 114 -13.07 4.00 0.04
N VAL B 115 -12.16 3.03 -0.05
CA VAL B 115 -12.27 1.81 -0.90
C VAL B 115 -12.35 0.59 0.03
N ILE B 116 -13.55 0.05 0.23
CA ILE B 116 -13.83 -1.14 1.09
C ILE B 116 -14.04 -2.36 0.19
N ALA B 117 -13.36 -3.47 0.49
CA ALA B 117 -13.44 -4.75 -0.26
C ALA B 117 -13.24 -5.93 0.68
N TRP B 118 -13.78 -7.10 0.31
CA TRP B 118 -13.70 -8.36 1.10
C TRP B 118 -13.83 -9.57 0.17
N ASN B 119 -13.19 -10.69 0.53
CA ASN B 119 -13.26 -11.99 -0.19
C ASN B 119 -14.68 -12.54 -0.10
N SER B 120 -15.31 -12.81 -1.25
CA SER B 120 -16.72 -13.28 -1.36
C SER B 120 -16.78 -14.58 -2.17
N ASN B 121 -15.69 -15.37 -2.15
CA ASN B 121 -15.59 -16.70 -2.79
C ASN B 121 -16.82 -17.54 -2.45
N ASN B 122 -17.12 -17.67 -1.16
CA ASN B 122 -18.18 -18.54 -0.60
C ASN B 122 -19.49 -18.36 -1.39
N LEU B 123 -19.89 -17.11 -1.68
CA LEU B 123 -21.19 -16.78 -2.29
C LEU B 123 -21.04 -16.56 -3.81
N ASP B 124 -19.96 -15.93 -4.27
CA ASP B 124 -19.77 -15.53 -5.69
C ASP B 124 -19.24 -16.72 -6.51
N SER B 125 -18.21 -17.43 -6.03
CA SER B 125 -17.60 -18.59 -6.74
C SER B 125 -18.63 -19.71 -6.90
N LYS B 126 -18.53 -20.47 -7.99
CA LYS B 126 -19.44 -21.60 -8.35
C LYS B 126 -18.60 -22.79 -8.82
N VAL B 127 -18.94 -24.00 -8.35
CA VAL B 127 -18.21 -25.28 -8.63
C VAL B 127 -17.87 -25.32 -10.12
N GLY B 128 -18.89 -25.25 -10.98
CA GLY B 128 -18.75 -25.25 -12.45
C GLY B 128 -18.11 -23.96 -12.95
N GLY B 129 -18.47 -22.83 -12.33
CA GLY B 129 -17.92 -21.49 -12.65
C GLY B 129 -19.03 -20.47 -12.78
N ASN B 130 -18.90 -19.32 -12.08
CA ASN B 130 -19.89 -18.22 -12.09
C ASN B 130 -19.58 -17.29 -13.27
N TYR B 131 -20.30 -17.45 -14.38
CA TYR B 131 -20.16 -16.67 -15.63
C TYR B 131 -21.24 -15.57 -15.68
N ASN B 132 -21.56 -14.99 -14.52
CA ASN B 132 -22.49 -13.83 -14.38
C ASN B 132 -21.65 -12.55 -14.26
N TYR B 133 -20.41 -12.68 -13.80
CA TYR B 133 -19.44 -11.56 -13.60
C TYR B 133 -18.52 -11.45 -14.82
N LEU B 134 -18.52 -10.29 -15.48
CA LEU B 134 -17.69 -9.97 -16.67
C LEU B 134 -16.81 -8.76 -16.37
N TYR B 135 -15.95 -8.39 -17.32
CA TYR B 135 -15.07 -7.18 -17.27
C TYR B 135 -14.64 -6.82 -18.71
N ARG B 136 -14.63 -5.52 -19.03
CA ARG B 136 -14.20 -4.98 -20.34
C ARG B 136 -12.67 -5.08 -20.44
N LEU B 137 -12.17 -5.73 -21.50
CA LEU B 137 -10.72 -6.01 -21.72
C LEU B 137 -10.15 -5.01 -22.72
N PHE B 138 -10.96 -4.55 -23.68
CA PHE B 138 -10.55 -3.63 -24.77
C PHE B 138 -11.50 -2.42 -24.83
N ARG B 139 -10.95 -1.23 -25.06
CA ARG B 139 -11.71 0.04 -25.22
C ARG B 139 -10.88 1.03 -26.04
N LYS B 140 -11.52 1.78 -26.93
CA LYS B 140 -10.87 2.79 -27.83
C LYS B 140 -9.97 3.69 -26.99
N SER B 141 -10.57 4.52 -26.13
CA SER B 141 -9.88 5.43 -25.18
C SER B 141 -10.08 4.91 -23.75
N ASN B 142 -9.28 5.42 -22.80
CA ASN B 142 -9.42 5.11 -21.35
C ASN B 142 -10.70 5.75 -20.82
N LEU B 143 -11.31 5.16 -19.80
CA LEU B 143 -12.56 5.66 -19.16
C LEU B 143 -12.25 6.98 -18.43
N LYS B 144 -13.26 7.86 -18.32
CA LYS B 144 -13.22 9.11 -17.53
C LYS B 144 -13.58 8.78 -16.08
N PRO B 145 -13.18 9.61 -15.10
CA PRO B 145 -13.58 9.41 -13.70
C PRO B 145 -15.10 9.29 -13.52
N PHE B 146 -15.55 8.21 -12.86
CA PHE B 146 -16.96 7.86 -12.58
C PHE B 146 -17.77 7.74 -13.89
N GLU B 147 -17.12 7.29 -14.97
CA GLU B 147 -17.77 6.99 -16.26
C GLU B 147 -18.20 5.52 -16.28
N ARG B 148 -19.41 5.24 -16.75
CA ARG B 148 -20.00 3.87 -16.87
C ARG B 148 -20.22 3.56 -18.34
N ASP B 149 -19.61 2.48 -18.83
CA ASP B 149 -19.74 1.99 -20.24
C ASP B 149 -20.34 0.58 -20.21
N ILE B 150 -21.61 0.45 -20.61
CA ILE B 150 -22.37 -0.84 -20.67
C ILE B 150 -22.60 -1.22 -22.13
N SER B 151 -21.84 -0.62 -23.06
CA SER B 151 -21.88 -0.92 -24.52
C SER B 151 -21.27 -2.30 -24.79
N THR B 152 -21.43 -2.80 -26.01
CA THR B 152 -20.92 -4.12 -26.46
C THR B 152 -20.47 -4.04 -27.92
N GLU B 153 -19.94 -2.87 -28.33
CA GLU B 153 -19.51 -2.57 -29.72
C GLU B 153 -18.17 -3.29 -29.98
N ILE B 154 -18.13 -4.18 -30.98
CA ILE B 154 -16.94 -5.00 -31.33
C ILE B 154 -15.72 -4.08 -31.45
N TYR B 155 -14.71 -4.28 -30.60
CA TYR B 155 -13.48 -3.46 -30.54
C TYR B 155 -12.61 -3.75 -31.78
N GLN B 156 -12.11 -2.68 -32.42
CA GLN B 156 -11.28 -2.74 -33.65
C GLN B 156 -9.79 -2.67 -33.25
N ALA B 157 -9.07 -3.79 -33.36
CA ALA B 157 -7.64 -3.93 -33.02
C ALA B 157 -6.77 -3.60 -34.25
N GLY B 158 -7.34 -3.69 -35.46
CA GLY B 158 -6.68 -3.33 -36.73
C GLY B 158 -7.17 -2.00 -37.27
N SER B 159 -6.91 -1.74 -38.55
CA SER B 159 -7.37 -0.54 -39.29
C SER B 159 -8.64 -0.86 -40.10
N THR B 160 -8.91 -2.16 -40.33
CA THR B 160 -10.08 -2.67 -41.09
C THR B 160 -11.30 -2.72 -40.16
N PRO B 161 -12.48 -2.20 -40.57
CA PRO B 161 -13.69 -2.29 -39.76
C PRO B 161 -14.10 -3.74 -39.43
N CYS B 162 -14.72 -3.94 -38.26
CA CYS B 162 -15.20 -5.24 -37.75
C CYS B 162 -16.60 -5.53 -38.30
N ASN B 163 -17.44 -4.49 -38.40
CA ASN B 163 -18.85 -4.56 -38.90
C ASN B 163 -19.72 -5.31 -37.87
N GLY B 164 -19.36 -5.22 -36.59
CA GLY B 164 -20.09 -5.84 -35.46
C GLY B 164 -20.08 -7.36 -35.54
N VAL B 165 -18.94 -7.95 -35.92
CA VAL B 165 -18.74 -9.43 -36.06
C VAL B 165 -17.36 -9.79 -35.49
N GLU B 166 -17.28 -10.85 -34.69
CA GLU B 166 -16.01 -11.36 -34.12
C GLU B 166 -15.18 -12.02 -35.24
N GLY B 167 -14.01 -11.46 -35.52
CA GLY B 167 -13.07 -11.96 -36.55
C GLY B 167 -11.62 -11.73 -36.15
N PHE B 168 -10.73 -11.58 -37.14
CA PHE B 168 -9.29 -11.26 -36.94
C PHE B 168 -9.14 -9.77 -36.62
N ASN B 169 -8.48 -9.46 -35.50
CA ASN B 169 -8.27 -8.08 -34.97
C ASN B 169 -9.64 -7.43 -34.74
N CYS B 170 -10.62 -8.22 -34.29
CA CYS B 170 -12.02 -7.82 -34.05
C CYS B 170 -12.65 -8.76 -33.01
N TYR B 171 -12.66 -8.34 -31.73
CA TYR B 171 -13.08 -9.17 -30.58
C TYR B 171 -14.18 -8.46 -29.78
N PHE B 172 -14.85 -9.23 -28.91
CA PHE B 172 -15.91 -8.75 -27.98
C PHE B 172 -15.25 -7.95 -26.85
N PRO B 173 -15.83 -6.80 -26.43
CA PRO B 173 -15.22 -5.98 -25.38
C PRO B 173 -15.20 -6.68 -24.01
N LEU B 174 -16.32 -7.30 -23.63
CA LEU B 174 -16.52 -7.93 -22.29
C LEU B 174 -15.81 -9.28 -22.26
N GLN B 175 -15.53 -9.80 -21.06
CA GLN B 175 -14.78 -11.07 -20.83
C GLN B 175 -15.21 -11.65 -19.48
N SER B 176 -15.31 -12.98 -19.38
CA SER B 176 -15.76 -13.72 -18.18
C SER B 176 -14.57 -13.92 -17.22
N TYR B 177 -14.85 -13.86 -15.91
CA TYR B 177 -13.87 -14.14 -14.82
C TYR B 177 -13.70 -15.66 -14.69
N GLY B 178 -14.82 -16.38 -14.54
CA GLY B 178 -14.86 -17.84 -14.31
C GLY B 178 -15.20 -18.15 -12.87
N PHE B 179 -14.41 -17.62 -11.93
CA PHE B 179 -14.58 -17.74 -10.46
C PHE B 179 -14.97 -19.17 -10.09
N GLN B 180 -14.09 -20.12 -10.41
CA GLN B 180 -14.10 -21.50 -9.86
C GLN B 180 -13.62 -21.44 -8.41
N PRO B 181 -14.16 -22.27 -7.49
CA PRO B 181 -13.78 -22.21 -6.08
C PRO B 181 -12.38 -22.77 -5.80
N THR B 182 -11.74 -23.37 -6.80
CA THR B 182 -10.37 -23.94 -6.74
C THR B 182 -9.33 -22.81 -6.82
N ASN B 183 -9.66 -21.74 -7.55
CA ASN B 183 -8.77 -20.58 -7.87
C ASN B 183 -8.11 -20.05 -6.60
N GLY B 184 -6.86 -19.59 -6.73
CA GLY B 184 -6.08 -18.96 -5.63
C GLY B 184 -6.72 -17.65 -5.18
N VAL B 185 -6.42 -17.25 -3.94
CA VAL B 185 -6.95 -16.02 -3.27
C VAL B 185 -6.87 -14.82 -4.23
N GLY B 186 -5.80 -14.72 -5.03
CA GLY B 186 -5.58 -13.63 -6.00
C GLY B 186 -6.63 -13.60 -7.09
N TYR B 187 -6.98 -14.77 -7.65
CA TYR B 187 -7.96 -14.94 -8.75
C TYR B 187 -9.36 -15.25 -8.19
N GLN B 188 -9.53 -15.10 -6.88
CA GLN B 188 -10.81 -15.35 -6.16
C GLN B 188 -11.66 -14.08 -6.23
N PRO B 189 -13.01 -14.18 -6.25
CA PRO B 189 -13.87 -13.01 -6.38
C PRO B 189 -13.93 -12.17 -5.09
N TYR B 190 -13.89 -10.84 -5.23
CA TYR B 190 -13.95 -9.84 -4.12
C TYR B 190 -15.06 -8.83 -4.41
N ARG B 191 -15.91 -8.56 -3.41
CA ARG B 191 -16.95 -7.51 -3.46
C ARG B 191 -16.36 -6.19 -2.96
N VAL B 192 -16.20 -5.23 -3.86
CA VAL B 192 -15.61 -3.88 -3.58
C VAL B 192 -16.76 -2.87 -3.47
N VAL B 193 -16.66 -1.94 -2.51
CA VAL B 193 -17.61 -0.81 -2.32
C VAL B 193 -16.78 0.47 -2.15
N VAL B 194 -17.02 1.48 -2.99
CA VAL B 194 -16.27 2.78 -3.01
C VAL B 194 -17.20 3.88 -2.52
N LEU B 195 -16.95 4.41 -1.32
CA LEU B 195 -17.69 5.57 -0.74
C LEU B 195 -16.97 6.86 -1.16
N SER B 196 -17.65 7.71 -1.94
CA SER B 196 -17.13 9.00 -2.48
C SER B 196 -17.89 10.17 -1.82
N PHE B 197 -17.17 11.04 -1.11
CA PHE B 197 -17.71 12.26 -0.44
C PHE B 197 -17.34 13.49 -1.26
N GLU B 198 -17.94 14.64 -0.93
CA GLU B 198 -17.73 15.94 -1.64
C GLU B 198 -16.57 16.68 -0.98
N GLN C 1 -1.94 28.72 11.98
CA GLN C 1 -0.88 28.06 12.80
C GLN C 1 -0.04 27.14 11.92
N VAL C 2 1.27 27.07 12.17
CA VAL C 2 2.23 26.14 11.49
C VAL C 2 1.79 24.70 11.80
N GLN C 3 1.19 24.03 10.83
CA GLN C 3 0.52 22.71 10.99
C GLN C 3 0.79 21.83 9.76
N LEU C 4 0.74 20.51 9.93
CA LEU C 4 0.75 19.50 8.85
C LEU C 4 -0.28 18.42 9.17
N VAL C 5 -1.44 18.45 8.50
CA VAL C 5 -2.57 17.52 8.73
C VAL C 5 -2.54 16.46 7.62
N GLU C 6 -1.98 15.29 7.90
CA GLU C 6 -1.83 14.17 6.93
C GLU C 6 -3.10 13.32 6.95
N SER C 7 -3.44 12.75 5.79
CA SER C 7 -4.69 11.97 5.54
C SER C 7 -4.39 10.77 4.65
N GLY C 8 -5.36 9.87 4.51
CA GLY C 8 -5.23 8.60 3.75
C GLY C 8 -4.79 7.46 4.66
N GLY C 9 -4.21 6.41 4.07
CA GLY C 9 -3.80 5.19 4.78
C GLY C 9 -4.98 4.27 5.05
N GLY C 10 -4.82 3.34 5.98
CA GLY C 10 -5.84 2.34 6.36
C GLY C 10 -5.31 0.92 6.23
N LEU C 11 -6.20 -0.04 5.95
CA LEU C 11 -5.90 -1.50 5.87
C LEU C 11 -5.93 -1.95 4.41
N VAL C 12 -4.94 -2.74 3.99
CA VAL C 12 -4.86 -3.37 2.63
C VAL C 12 -4.25 -4.77 2.78
N ARG C 13 -4.33 -5.57 1.72
CA ARG C 13 -3.76 -6.94 1.64
C ARG C 13 -2.36 -6.87 1.02
N PRO C 14 -1.47 -7.84 1.30
CA PRO C 14 -0.14 -7.87 0.68
C PRO C 14 -0.20 -7.81 -0.85
N GLY C 15 0.54 -6.87 -1.45
CA GLY C 15 0.53 -6.59 -2.90
C GLY C 15 -0.35 -5.39 -3.23
N GLY C 16 -1.15 -4.92 -2.27
CA GLY C 16 -2.08 -3.79 -2.42
C GLY C 16 -1.35 -2.47 -2.56
N SER C 17 -2.06 -1.43 -3.01
CA SER C 17 -1.54 -0.05 -3.22
C SER C 17 -2.31 0.94 -2.32
N LEU C 18 -1.66 2.03 -1.94
CA LEU C 18 -2.23 3.10 -1.07
C LEU C 18 -1.50 4.41 -1.37
N ARG C 19 -2.18 5.56 -1.19
CA ARG C 19 -1.61 6.91 -1.34
C ARG C 19 -1.93 7.73 -0.09
N LEU C 20 -0.89 8.19 0.61
CA LEU C 20 -1.00 9.13 1.75
C LEU C 20 -0.89 10.56 1.21
N SER C 21 -1.49 11.53 1.91
CA SER C 21 -1.48 12.97 1.56
C SER C 21 -1.22 13.79 2.81
N CYS C 22 -0.38 14.83 2.71
CA CYS C 22 -0.07 15.78 3.81
C CYS C 22 -0.34 17.22 3.34
N VAL C 23 -1.38 17.84 3.90
CA VAL C 23 -1.79 19.26 3.65
C VAL C 23 -1.06 20.15 4.66
N GLY C 24 -0.48 21.27 4.20
CA GLY C 24 0.27 22.23 5.02
C GLY C 24 -0.38 23.60 5.01
N SER C 25 -0.36 24.29 6.15
CA SER C 25 -0.96 25.64 6.35
C SER C 25 -0.20 26.40 7.44
N GLY C 26 -0.22 27.74 7.39
CA GLY C 26 0.42 28.63 8.37
C GLY C 26 1.87 28.92 8.01
N PHE C 27 2.29 28.59 6.78
CA PHE C 27 3.64 28.85 6.24
C PHE C 27 3.63 28.61 4.72
N THR C 28 4.59 29.21 4.00
CA THR C 28 4.76 29.06 2.53
C THR C 28 5.20 27.62 2.24
N PHE C 29 4.25 26.76 1.87
CA PHE C 29 4.42 25.30 1.67
C PHE C 29 5.50 25.02 0.60
N SER C 30 5.65 25.94 -0.37
CA SER C 30 6.57 25.81 -1.53
C SER C 30 7.99 26.29 -1.18
N GLY C 31 8.20 26.79 0.04
CA GLY C 31 9.48 27.38 0.49
C GLY C 31 10.37 26.40 1.22
N TYR C 32 9.81 25.25 1.66
CA TYR C 32 10.52 24.23 2.48
C TYR C 32 10.32 22.84 1.85
N ALA C 33 11.33 21.97 1.99
CA ALA C 33 11.34 20.58 1.51
C ALA C 33 10.36 19.74 2.34
N MET C 34 9.90 18.61 1.80
CA MET C 34 9.00 17.65 2.50
C MET C 34 9.69 16.28 2.58
N ASN C 35 9.66 15.66 3.76
CA ASN C 35 10.19 14.30 4.03
C ASN C 35 9.04 13.41 4.51
N TRP C 36 9.07 12.13 4.12
CA TRP C 36 8.15 11.07 4.61
C TRP C 36 8.95 10.10 5.48
N TYR C 37 8.61 10.03 6.77
CA TYR C 37 9.13 9.04 7.74
C TYR C 37 8.07 7.95 7.96
N ARG C 38 8.48 6.82 8.56
CA ARG C 38 7.55 5.75 9.02
C ARG C 38 8.11 5.15 10.32
N GLN C 39 7.23 4.81 11.27
CA GLN C 39 7.58 4.22 12.59
C GLN C 39 6.83 2.90 12.75
N ALA C 40 7.55 1.77 12.65
CA ALA C 40 7.03 0.40 12.88
C ALA C 40 6.94 0.15 14.37
N PRO C 41 5.92 -0.61 14.84
CA PRO C 41 5.73 -0.84 16.28
C PRO C 41 6.97 -1.49 16.93
N GLY C 42 7.67 -0.74 17.78
CA GLY C 42 8.87 -1.19 18.52
C GLY C 42 10.15 -0.58 17.98
N LYS C 43 10.16 -0.20 16.70
CA LYS C 43 11.35 0.38 16.00
C LYS C 43 11.26 1.92 16.02
N ALA C 44 12.38 2.58 15.76
CA ALA C 44 12.53 4.06 15.74
C ALA C 44 12.13 4.60 14.36
N LEU C 45 11.63 5.84 14.31
CA LEU C 45 11.28 6.56 13.06
C LEU C 45 12.42 6.39 12.04
N GLU C 46 12.10 5.92 10.84
CA GLU C 46 13.08 5.76 9.71
C GLU C 46 12.57 6.56 8.50
N LEU C 47 13.48 7.19 7.77
CA LEU C 47 13.19 8.02 6.57
C LEU C 47 12.84 7.10 5.39
N VAL C 48 11.73 7.37 4.71
CA VAL C 48 11.21 6.57 3.55
C VAL C 48 11.55 7.31 2.25
N ALA C 49 11.14 8.58 2.15
CA ALA C 49 11.28 9.43 0.93
C ALA C 49 11.40 10.91 1.33
N GLY C 50 12.14 11.68 0.52
CA GLY C 50 12.31 13.14 0.66
C GLY C 50 12.18 13.83 -0.68
N ILE C 51 11.56 15.02 -0.70
CA ILE C 51 11.30 15.83 -1.93
C ILE C 51 11.80 17.27 -1.70
N SER C 52 11.96 18.04 -2.78
CA SER C 52 12.49 19.44 -2.78
C SER C 52 11.35 20.46 -2.72
N ASN C 53 11.71 21.74 -2.55
CA ASN C 53 10.79 22.90 -2.30
C ASN C 53 9.59 22.84 -3.25
N ALA C 54 9.83 22.89 -4.56
CA ALA C 54 8.80 22.74 -5.63
C ALA C 54 9.44 22.17 -6.90
N GLY C 55 10.59 21.50 -6.77
CA GLY C 55 11.39 20.98 -7.90
C GLY C 55 11.08 19.52 -8.17
N ASP C 56 11.77 18.93 -9.14
CA ASP C 56 11.66 17.49 -9.53
C ASP C 56 12.83 16.72 -8.90
N LEU C 57 13.02 16.90 -7.59
CA LEU C 57 14.11 16.27 -6.79
C LEU C 57 13.49 15.34 -5.74
N THR C 58 13.64 14.02 -5.94
CA THR C 58 13.08 12.94 -5.10
C THR C 58 14.22 12.02 -4.65
N HIS C 59 14.40 11.83 -3.33
CA HIS C 59 15.41 10.93 -2.74
C HIS C 59 14.73 9.87 -1.88
N TYR C 60 14.95 8.58 -2.20
CA TYR C 60 14.36 7.40 -1.52
C TYR C 60 15.48 6.65 -0.77
N GLU C 61 15.14 6.06 0.38
CA GLU C 61 16.07 5.27 1.24
C GLU C 61 15.83 3.77 0.99
N GLU C 62 16.76 2.93 1.46
CA GLU C 62 16.79 1.46 1.24
C GLU C 62 15.45 0.82 1.62
N PRO C 63 14.87 1.13 2.81
CA PRO C 63 13.60 0.53 3.24
C PRO C 63 12.60 0.16 2.13
N MET C 64 12.09 1.16 1.39
CA MET C 64 10.99 1.00 0.40
C MET C 64 11.45 1.39 -1.00
N LYS C 65 12.75 1.63 -1.20
CA LYS C 65 13.34 2.04 -2.51
C LYS C 65 12.89 1.06 -3.60
N GLY C 66 11.85 1.42 -4.35
CA GLY C 66 11.32 0.63 -5.47
C GLY C 66 9.80 0.69 -5.56
N ARG C 67 9.10 0.50 -4.44
CA ARG C 67 7.63 0.35 -4.38
C ARG C 67 6.99 1.60 -3.76
N VAL C 68 7.70 2.74 -3.78
CA VAL C 68 7.21 4.05 -3.24
C VAL C 68 7.61 5.16 -4.21
N ALA C 69 6.76 6.18 -4.35
CA ALA C 69 6.96 7.38 -5.20
C ALA C 69 6.43 8.62 -4.49
N ILE C 70 7.29 9.61 -4.26
CA ILE C 70 6.97 10.89 -3.56
C ILE C 70 6.69 11.97 -4.61
N SER C 71 5.76 12.87 -4.33
CA SER C 71 5.31 13.97 -5.22
C SER C 71 4.52 15.00 -4.43
N ARG C 72 4.44 16.25 -4.92
CA ARG C 72 3.78 17.38 -4.22
C ARG C 72 2.98 18.23 -5.21
N ALA C 73 1.87 18.81 -4.72
CA ALA C 73 0.99 19.76 -5.45
C ALA C 73 0.93 21.06 -4.66
N ASN C 74 1.89 21.97 -4.92
CA ASN C 74 2.07 23.25 -4.18
C ASN C 74 0.88 24.18 -4.44
N ASP C 75 0.19 23.99 -5.57
CA ASP C 75 -1.09 24.68 -5.90
C ASP C 75 -2.17 24.31 -4.87
N LYS C 76 -2.15 23.07 -4.37
CA LYS C 76 -3.12 22.52 -3.38
C LYS C 76 -2.47 22.43 -1.99
N ASN C 77 -1.21 22.87 -1.87
CA ASN C 77 -0.43 22.94 -0.59
C ASN C 77 -0.34 21.54 0.02
N THR C 78 -0.14 20.50 -0.80
CA THR C 78 -0.17 19.07 -0.37
C THR C 78 1.04 18.32 -0.93
N VAL C 79 1.45 17.25 -0.25
CA VAL C 79 2.51 16.28 -0.68
C VAL C 79 1.96 14.87 -0.50
N TYR C 80 2.10 14.01 -1.52
CA TYR C 80 1.55 12.63 -1.56
C TYR C 80 2.70 11.61 -1.48
N LEU C 81 2.36 10.36 -1.20
CA LEU C 81 3.31 9.20 -1.16
C LEU C 81 2.60 7.96 -1.74
N GLN C 82 2.84 7.67 -3.02
CA GLN C 82 2.23 6.53 -3.74
C GLN C 82 2.98 5.24 -3.36
N MET C 83 2.38 4.42 -2.50
CA MET C 83 2.92 3.11 -2.05
C MET C 83 2.22 1.99 -2.82
N ASP C 84 2.99 1.19 -3.56
CA ASP C 84 2.51 -0.01 -4.31
C ASP C 84 3.21 -1.25 -3.77
N ASP C 85 2.79 -2.44 -4.23
CA ASP C 85 3.38 -3.76 -3.88
C ASP C 85 3.75 -3.77 -2.39
N LEU C 86 2.78 -3.45 -1.52
CA LEU C 86 2.98 -3.32 -0.05
C LEU C 86 3.14 -4.72 0.56
N LYS C 87 4.00 -4.84 1.58
CA LYS C 87 4.32 -6.09 2.30
C LYS C 87 3.92 -5.94 3.76
N PRO C 88 3.79 -7.05 4.53
CA PRO C 88 3.37 -6.98 5.94
C PRO C 88 4.34 -6.18 6.82
N GLU C 89 5.61 -6.12 6.43
CA GLU C 89 6.70 -5.37 7.14
C GLU C 89 6.44 -3.86 7.06
N ASP C 90 5.66 -3.41 6.07
CA ASP C 90 5.34 -1.97 5.83
C ASP C 90 4.35 -1.46 6.88
N THR C 91 3.61 -2.36 7.54
CA THR C 91 2.65 -2.03 8.63
C THR C 91 3.33 -1.12 9.65
N ALA C 92 3.01 0.18 9.62
CA ALA C 92 3.65 1.23 10.46
C ALA C 92 2.83 2.52 10.40
N VAL C 93 3.22 3.52 11.21
CA VAL C 93 2.63 4.89 11.22
C VAL C 93 3.53 5.80 10.37
N TYR C 94 3.03 6.23 9.22
CA TYR C 94 3.75 7.09 8.25
C TYR C 94 3.50 8.57 8.59
N ARG C 95 4.58 9.36 8.66
CA ARG C 95 4.57 10.80 9.04
C ARG C 95 5.26 11.63 7.96
N CYS C 96 4.66 12.78 7.62
CA CYS C 96 5.26 13.84 6.79
C CYS C 96 6.14 14.73 7.68
N HIS C 97 7.02 15.53 7.07
CA HIS C 97 8.03 16.37 7.77
C HIS C 97 8.51 17.50 6.86
N ALA C 98 8.53 18.73 7.38
CA ALA C 98 9.10 19.93 6.71
C ALA C 98 10.14 20.56 7.64
N PRO C 99 11.45 20.47 7.30
CA PRO C 99 12.51 20.94 8.19
C PRO C 99 12.73 22.46 8.14
N GLY C 100 13.01 23.07 9.31
CA GLY C 100 13.40 24.48 9.45
C GLY C 100 12.30 25.44 9.04
N VAL C 101 11.03 25.11 9.34
CA VAL C 101 9.85 25.94 9.00
C VAL C 101 9.65 26.99 10.10
N ARG C 102 9.42 26.54 11.34
CA ARG C 102 9.12 27.40 12.52
C ARG C 102 10.29 28.38 12.74
N VAL C 103 9.97 29.59 13.23
CA VAL C 103 10.93 30.72 13.40
C VAL C 103 10.53 31.50 14.66
N GLY C 104 11.50 31.74 15.55
CA GLY C 104 11.29 32.38 16.87
C GLY C 104 10.67 31.41 17.85
N THR C 105 11.10 30.14 17.83
CA THR C 105 10.63 29.05 18.74
C THR C 105 11.82 28.21 19.19
N GLY C 106 13.04 28.76 19.14
CA GLY C 106 14.29 28.06 19.51
C GLY C 106 14.68 27.03 18.46
N GLU C 107 15.31 25.94 18.88
CA GLU C 107 15.89 24.89 18.00
C GLU C 107 14.76 24.10 17.33
N ARG C 108 13.58 24.07 17.96
CA ARG C 108 12.33 23.48 17.40
C ARG C 108 11.88 24.31 16.19
N LYS C 109 12.47 24.03 15.03
CA LYS C 109 12.17 24.73 13.74
C LYS C 109 11.38 23.80 12.82
N ASP C 110 11.53 22.48 12.98
CA ASP C 110 10.81 21.44 12.18
C ASP C 110 9.32 21.48 12.51
N VAL C 111 8.48 21.13 11.53
CA VAL C 111 7.00 20.94 11.70
C VAL C 111 6.68 19.49 11.30
N TRP C 112 6.04 18.75 12.20
CA TRP C 112 5.75 17.30 12.08
C TRP C 112 4.25 17.08 11.91
N GLY C 113 3.86 16.04 11.16
CA GLY C 113 2.47 15.61 10.99
C GLY C 113 1.96 14.88 12.23
N GLN C 114 0.69 14.45 12.21
CA GLN C 114 0.02 13.77 13.35
C GLN C 114 0.33 12.26 13.26
N GLY C 115 0.22 11.68 12.07
CA GLY C 115 0.48 10.25 11.79
C GLY C 115 -0.70 9.60 11.08
N ALA C 116 -0.41 8.74 10.11
CA ALA C 116 -1.42 7.95 9.34
C ALA C 116 -1.10 6.46 9.50
N GLN C 117 -2.00 5.71 10.13
CA GLN C 117 -1.84 4.24 10.34
C GLN C 117 -2.04 3.52 9.00
N VAL C 118 -1.05 2.71 8.61
CA VAL C 118 -1.11 1.81 7.43
C VAL C 118 -0.87 0.38 7.94
N THR C 119 -1.81 -0.53 7.69
CA THR C 119 -1.75 -1.96 8.11
C THR C 119 -1.85 -2.85 6.87
N VAL C 120 -0.77 -3.59 6.57
CA VAL C 120 -0.70 -4.56 5.44
C VAL C 120 -0.80 -5.97 6.05
N SER C 121 -2.03 -6.45 6.26
CA SER C 121 -2.35 -7.77 6.86
C SER C 121 -3.04 -8.64 5.81
N SER C 122 -2.70 -9.94 5.75
CA SER C 122 -3.31 -10.94 4.86
C SER C 122 -4.70 -11.32 5.37
N GLU C 123 -5.44 -12.14 4.62
CA GLU C 123 -6.81 -12.58 4.94
C GLU C 123 -6.76 -13.52 6.16
N GLN C 124 -7.92 -13.76 6.79
CA GLN C 124 -8.06 -14.62 8.01
C GLN C 124 -8.21 -16.08 7.55
N LYS C 125 -7.76 -17.03 8.37
CA LYS C 125 -7.88 -18.49 8.12
C LYS C 125 -9.25 -18.97 8.58
N GLN D 1 -10.13 -20.59 -37.93
CA GLN D 1 -10.54 -19.50 -36.98
C GLN D 1 -11.52 -20.08 -35.94
N VAL D 2 -11.38 -19.64 -34.69
CA VAL D 2 -12.27 -20.04 -33.55
C VAL D 2 -13.40 -19.01 -33.45
N GLN D 3 -14.61 -19.40 -33.87
CA GLN D 3 -15.79 -18.50 -33.98
C GLN D 3 -17.06 -19.28 -33.62
N LEU D 4 -18.18 -18.56 -33.45
CA LEU D 4 -19.47 -19.10 -32.95
C LEU D 4 -20.63 -18.34 -33.61
N VAL D 5 -21.33 -18.98 -34.55
CA VAL D 5 -22.39 -18.36 -35.40
C VAL D 5 -23.76 -18.63 -34.74
N GLU D 6 -24.52 -17.57 -34.46
CA GLU D 6 -25.87 -17.63 -33.84
C GLU D 6 -26.92 -17.73 -34.95
N SER D 7 -27.69 -18.84 -34.97
CA SER D 7 -28.75 -19.13 -35.95
C SER D 7 -30.10 -19.26 -35.23
N GLY D 8 -30.96 -18.25 -35.37
CA GLY D 8 -32.31 -18.20 -34.77
C GLY D 8 -32.78 -16.78 -34.52
N GLY D 9 -33.83 -16.63 -33.71
CA GLY D 9 -34.41 -15.32 -33.32
C GLY D 9 -35.46 -14.86 -34.32
N GLY D 10 -35.80 -13.57 -34.28
CA GLY D 10 -36.75 -12.91 -35.20
C GLY D 10 -37.73 -12.01 -34.47
N LEU D 11 -39.02 -12.38 -34.48
CA LEU D 11 -40.14 -11.57 -33.92
C LEU D 11 -41.34 -12.50 -33.68
N VAL D 12 -41.80 -12.60 -32.42
CA VAL D 12 -42.99 -13.41 -32.02
C VAL D 12 -43.96 -12.51 -31.26
N ARG D 13 -45.14 -13.03 -30.90
CA ARG D 13 -46.16 -12.33 -30.07
C ARG D 13 -46.06 -12.84 -28.64
N PRO D 14 -46.52 -12.05 -27.63
CA PRO D 14 -46.51 -12.49 -26.24
C PRO D 14 -47.21 -13.86 -26.09
N GLY D 15 -46.48 -14.86 -25.62
CA GLY D 15 -46.93 -16.27 -25.51
C GLY D 15 -46.25 -17.16 -26.53
N GLY D 16 -45.75 -16.58 -27.62
CA GLY D 16 -45.03 -17.29 -28.70
C GLY D 16 -43.71 -17.87 -28.21
N SER D 17 -43.16 -18.84 -28.95
CA SER D 17 -41.90 -19.56 -28.62
C SER D 17 -40.86 -19.38 -29.73
N LEU D 18 -39.59 -19.62 -29.41
CA LEU D 18 -38.44 -19.55 -30.34
C LEU D 18 -37.31 -20.46 -29.83
N ARG D 19 -36.49 -20.99 -30.74
CA ARG D 19 -35.29 -21.79 -30.43
C ARG D 19 -34.07 -21.14 -31.12
N LEU D 20 -33.12 -20.63 -30.32
CA LEU D 20 -31.82 -20.09 -30.79
C LEU D 20 -30.81 -21.25 -30.80
N SER D 21 -30.15 -21.47 -31.94
CA SER D 21 -29.05 -22.45 -32.11
C SER D 21 -27.72 -21.70 -32.29
N CYS D 22 -26.60 -22.38 -32.01
CA CYS D 22 -25.23 -21.80 -32.08
C CYS D 22 -24.21 -22.88 -32.41
N VAL D 23 -23.39 -22.65 -33.44
CA VAL D 23 -22.50 -23.66 -34.09
C VAL D 23 -21.04 -23.29 -33.76
N GLY D 24 -20.35 -24.15 -33.01
CA GLY D 24 -18.95 -23.97 -32.61
C GLY D 24 -17.99 -24.62 -33.59
N SER D 25 -17.13 -23.83 -34.23
CA SER D 25 -16.17 -24.25 -35.27
C SER D 25 -14.78 -23.66 -34.98
N GLY D 26 -13.73 -24.49 -35.10
CA GLY D 26 -12.32 -24.10 -34.88
C GLY D 26 -11.76 -24.64 -33.59
N PHE D 27 -12.59 -25.30 -32.76
CA PHE D 27 -12.21 -25.88 -31.45
C PHE D 27 -13.06 -27.13 -31.16
N THR D 28 -12.69 -27.86 -30.10
CA THR D 28 -13.39 -29.07 -29.61
C THR D 28 -14.62 -28.62 -28.81
N PHE D 29 -15.81 -28.63 -29.45
CA PHE D 29 -17.08 -28.13 -28.89
C PHE D 29 -17.47 -28.93 -27.64
N SER D 30 -17.26 -30.25 -27.68
CA SER D 30 -17.58 -31.20 -26.58
C SER D 30 -16.59 -31.04 -25.42
N GLY D 31 -15.45 -30.38 -25.66
CA GLY D 31 -14.38 -30.18 -24.67
C GLY D 31 -14.72 -29.11 -23.65
N TYR D 32 -15.46 -28.07 -24.04
CA TYR D 32 -15.76 -26.88 -23.20
C TYR D 32 -17.27 -26.71 -23.03
N ALA D 33 -17.67 -25.86 -22.07
CA ALA D 33 -19.06 -25.51 -21.71
C ALA D 33 -19.50 -24.26 -22.47
N MET D 34 -20.81 -23.99 -22.53
CA MET D 34 -21.41 -22.78 -23.15
C MET D 34 -22.42 -22.14 -22.19
N ASN D 35 -22.59 -20.82 -22.30
CA ASN D 35 -23.64 -20.02 -21.59
C ASN D 35 -24.34 -19.11 -22.60
N TRP D 36 -25.61 -18.78 -22.36
CA TRP D 36 -26.41 -17.83 -23.17
C TRP D 36 -26.63 -16.54 -22.37
N TYR D 37 -26.22 -15.40 -22.94
CA TYR D 37 -26.38 -14.04 -22.38
C TYR D 37 -27.53 -13.33 -23.12
N ARG D 38 -27.85 -12.10 -22.71
CA ARG D 38 -29.00 -11.32 -23.23
C ARG D 38 -28.81 -9.85 -22.84
N GLN D 39 -28.96 -8.93 -23.81
CA GLN D 39 -28.82 -7.46 -23.62
C GLN D 39 -30.10 -6.75 -24.08
N ALA D 40 -30.90 -6.26 -23.13
CA ALA D 40 -32.12 -5.46 -23.37
C ALA D 40 -31.72 -4.08 -23.88
N PRO D 41 -32.65 -3.30 -24.47
CA PRO D 41 -32.35 -1.94 -24.93
C PRO D 41 -31.84 -1.04 -23.79
N GLY D 42 -30.63 -0.50 -23.94
CA GLY D 42 -29.98 0.40 -22.98
C GLY D 42 -29.79 -0.23 -21.61
N LYS D 43 -29.36 -1.49 -21.57
CA LYS D 43 -29.10 -2.27 -20.33
C LYS D 43 -27.81 -3.08 -20.50
N ALA D 44 -27.28 -3.63 -19.40
CA ALA D 44 -26.05 -4.46 -19.35
C ALA D 44 -26.39 -5.90 -19.75
N LEU D 45 -25.38 -6.74 -19.93
CA LEU D 45 -25.55 -8.20 -20.23
C LEU D 45 -26.22 -8.87 -19.03
N GLU D 46 -27.14 -9.80 -19.31
CA GLU D 46 -27.81 -10.68 -18.31
C GLU D 46 -27.58 -12.14 -18.73
N LEU D 47 -26.91 -12.93 -17.88
CA LEU D 47 -26.77 -14.39 -18.06
C LEU D 47 -28.15 -15.03 -18.01
N VAL D 48 -28.51 -15.83 -19.02
CA VAL D 48 -29.83 -16.52 -19.15
C VAL D 48 -29.71 -17.94 -18.58
N ALA D 49 -28.75 -18.72 -19.09
CA ALA D 49 -28.53 -20.14 -18.71
C ALA D 49 -27.09 -20.56 -19.01
N GLY D 50 -26.71 -21.74 -18.53
CA GLY D 50 -25.41 -22.39 -18.76
C GLY D 50 -25.52 -23.89 -18.88
N ILE D 51 -24.56 -24.53 -19.55
CA ILE D 51 -24.46 -26.01 -19.75
C ILE D 51 -23.01 -26.44 -19.49
N SER D 52 -22.83 -27.62 -18.87
CA SER D 52 -21.51 -28.21 -18.56
C SER D 52 -20.89 -28.80 -19.83
N ASN D 53 -19.55 -28.85 -19.89
CA ASN D 53 -18.77 -29.36 -21.05
C ASN D 53 -19.23 -30.79 -21.38
N ALA D 54 -20.14 -30.92 -22.35
CA ALA D 54 -20.71 -32.20 -22.85
C ALA D 54 -21.29 -33.00 -21.68
N GLY D 55 -22.19 -32.37 -20.90
CA GLY D 55 -22.81 -32.97 -19.71
C GLY D 55 -24.27 -32.59 -19.56
N ASP D 56 -24.91 -33.09 -18.50
CA ASP D 56 -26.36 -32.89 -18.20
C ASP D 56 -26.54 -31.65 -17.32
N LEU D 57 -25.53 -31.30 -16.51
CA LEU D 57 -25.58 -30.14 -15.57
C LEU D 57 -26.09 -28.90 -16.30
N THR D 58 -27.15 -28.28 -15.76
CA THR D 58 -27.87 -27.12 -16.37
C THR D 58 -28.21 -26.12 -15.25
N HIS D 59 -27.95 -24.83 -15.49
CA HIS D 59 -28.22 -23.71 -14.56
C HIS D 59 -28.95 -22.59 -15.32
N TYR D 60 -29.96 -21.98 -14.68
CA TYR D 60 -30.77 -20.86 -15.23
C TYR D 60 -30.82 -19.72 -14.21
N GLU D 61 -31.05 -18.50 -14.70
CA GLU D 61 -31.12 -17.25 -13.88
C GLU D 61 -32.59 -16.85 -13.68
N GLU D 62 -32.84 -15.97 -12.71
CA GLU D 62 -34.19 -15.46 -12.32
C GLU D 62 -34.97 -14.98 -13.55
N PRO D 63 -34.43 -14.05 -14.38
CA PRO D 63 -35.18 -13.50 -15.51
C PRO D 63 -35.85 -14.57 -16.38
N MET D 64 -35.12 -15.63 -16.73
CA MET D 64 -35.57 -16.73 -17.61
C MET D 64 -35.45 -18.05 -16.86
N LYS D 65 -36.52 -18.49 -16.19
CA LYS D 65 -36.56 -19.75 -15.40
C LYS D 65 -37.93 -20.41 -15.56
N GLY D 66 -37.94 -21.69 -15.96
CA GLY D 66 -39.15 -22.50 -16.16
C GLY D 66 -39.72 -22.36 -17.56
N ARG D 67 -39.38 -21.27 -18.26
CA ARG D 67 -39.89 -20.95 -19.62
C ARG D 67 -38.71 -20.89 -20.61
N VAL D 68 -37.58 -21.52 -20.27
CA VAL D 68 -36.39 -21.69 -21.15
C VAL D 68 -35.75 -23.05 -20.84
N ALA D 69 -35.19 -23.70 -21.86
CA ALA D 69 -34.49 -25.00 -21.77
C ALA D 69 -33.19 -24.94 -22.57
N ILE D 70 -32.07 -25.33 -21.94
CA ILE D 70 -30.71 -25.36 -22.54
C ILE D 70 -30.38 -26.80 -22.92
N SER D 71 -29.95 -27.02 -24.17
CA SER D 71 -29.57 -28.34 -24.73
C SER D 71 -28.40 -28.17 -25.71
N ARG D 72 -27.56 -29.21 -25.86
CA ARG D 72 -26.36 -29.19 -26.74
C ARG D 72 -26.36 -30.44 -27.63
N ALA D 73 -25.65 -30.35 -28.76
CA ALA D 73 -25.38 -31.47 -29.70
C ALA D 73 -23.87 -31.55 -29.95
N ASN D 74 -23.19 -32.44 -29.21
CA ASN D 74 -21.71 -32.65 -29.28
C ASN D 74 -21.33 -33.16 -30.68
N ASP D 75 -22.13 -34.09 -31.22
CA ASP D 75 -21.91 -34.72 -32.56
C ASP D 75 -22.11 -33.68 -33.66
N LYS D 76 -23.02 -32.72 -33.47
CA LYS D 76 -23.37 -31.66 -34.46
C LYS D 76 -22.58 -30.38 -34.17
N ASN D 77 -21.90 -30.29 -33.01
CA ASN D 77 -21.12 -29.11 -32.56
C ASN D 77 -22.04 -27.89 -32.50
N THR D 78 -23.22 -28.04 -31.88
CA THR D 78 -24.27 -26.98 -31.78
C THR D 78 -24.88 -26.99 -30.38
N VAL D 79 -25.23 -25.81 -29.85
CA VAL D 79 -25.98 -25.62 -28.57
C VAL D 79 -27.29 -24.88 -28.90
N TYR D 80 -28.39 -25.31 -28.29
CA TYR D 80 -29.75 -24.76 -28.50
C TYR D 80 -30.29 -24.14 -27.21
N LEU D 81 -31.11 -23.10 -27.33
CA LEU D 81 -31.86 -22.46 -26.22
C LEU D 81 -33.33 -22.34 -26.62
N GLN D 82 -34.14 -23.35 -26.27
CA GLN D 82 -35.62 -23.33 -26.44
C GLN D 82 -36.20 -22.32 -25.44
N MET D 83 -36.99 -21.36 -25.92
CA MET D 83 -37.62 -20.30 -25.10
C MET D 83 -39.12 -20.30 -25.37
N ASP D 84 -39.94 -20.60 -24.35
CA ASP D 84 -41.42 -20.69 -24.42
C ASP D 84 -42.04 -19.54 -23.62
N ASP D 85 -43.32 -19.24 -23.88
CA ASP D 85 -44.14 -18.25 -23.14
C ASP D 85 -43.34 -16.97 -22.95
N LEU D 86 -42.87 -16.38 -24.05
CA LEU D 86 -42.08 -15.11 -24.06
C LEU D 86 -43.03 -13.93 -23.91
N LYS D 87 -42.53 -12.82 -23.34
CA LYS D 87 -43.29 -11.57 -23.07
C LYS D 87 -42.43 -10.37 -23.43
N PRO D 88 -43.01 -9.15 -23.54
CA PRO D 88 -42.29 -7.99 -24.05
C PRO D 88 -40.97 -7.66 -23.33
N GLU D 89 -40.80 -8.12 -22.08
CA GLU D 89 -39.60 -7.87 -21.24
C GLU D 89 -38.41 -8.67 -21.80
N ASP D 90 -38.67 -9.73 -22.58
CA ASP D 90 -37.65 -10.60 -23.21
C ASP D 90 -37.09 -9.92 -24.47
N THR D 91 -37.77 -8.88 -24.97
CA THR D 91 -37.30 -8.03 -26.11
C THR D 91 -35.87 -7.58 -25.82
N ALA D 92 -34.87 -8.29 -26.35
CA ALA D 92 -33.43 -8.09 -26.06
C ALA D 92 -32.58 -8.81 -27.12
N VAL D 93 -31.28 -8.48 -27.17
CA VAL D 93 -30.27 -9.12 -28.08
C VAL D 93 -29.62 -10.29 -27.32
N TYR D 94 -29.84 -11.52 -27.78
CA TYR D 94 -29.36 -12.78 -27.14
C TYR D 94 -28.15 -13.31 -27.91
N ARG D 95 -27.10 -13.72 -27.18
CA ARG D 95 -25.89 -14.34 -27.76
C ARG D 95 -25.40 -15.47 -26.85
N CYS D 96 -24.80 -16.49 -27.46
CA CYS D 96 -24.07 -17.61 -26.81
C CYS D 96 -22.68 -17.14 -26.40
N HIS D 97 -21.95 -17.96 -25.65
CA HIS D 97 -20.59 -17.64 -25.12
C HIS D 97 -19.90 -18.94 -24.67
N ALA D 98 -18.66 -19.16 -25.13
CA ALA D 98 -17.78 -20.28 -24.75
C ALA D 98 -16.65 -19.75 -23.87
N PRO D 99 -16.69 -19.96 -22.54
CA PRO D 99 -15.63 -19.49 -21.64
C PRO D 99 -14.39 -20.39 -21.69
N GLY D 100 -13.21 -19.78 -21.82
CA GLY D 100 -11.90 -20.48 -21.81
C GLY D 100 -11.73 -21.38 -23.02
N VAL D 101 -11.24 -20.82 -24.13
CA VAL D 101 -11.01 -21.54 -25.43
C VAL D 101 -9.70 -21.04 -26.05
N ARG D 102 -9.61 -19.74 -26.33
CA ARG D 102 -8.50 -19.11 -27.11
C ARG D 102 -7.19 -19.37 -26.37
N VAL D 103 -6.37 -20.30 -26.88
CA VAL D 103 -5.08 -20.72 -26.24
C VAL D 103 -3.99 -19.75 -26.69
N GLY D 104 -3.11 -19.36 -25.77
CA GLY D 104 -2.01 -18.39 -25.99
C GLY D 104 -2.54 -17.08 -26.59
N THR D 105 -3.60 -16.53 -26.01
CA THR D 105 -4.29 -15.29 -26.47
C THR D 105 -4.47 -14.33 -25.28
N GLY D 106 -3.52 -14.36 -24.33
CA GLY D 106 -3.53 -13.52 -23.12
C GLY D 106 -4.72 -13.83 -22.23
N GLU D 107 -5.41 -12.78 -21.74
CA GLU D 107 -6.63 -12.89 -20.89
C GLU D 107 -7.84 -13.22 -21.77
N ARG D 108 -7.94 -12.59 -22.94
CA ARG D 108 -9.00 -12.83 -23.95
C ARG D 108 -9.00 -14.30 -24.35
N LYS D 109 -9.78 -15.13 -23.65
CA LYS D 109 -9.84 -16.61 -23.85
C LYS D 109 -11.29 -17.06 -24.03
N ASP D 110 -12.21 -16.15 -24.39
CA ASP D 110 -13.67 -16.44 -24.55
C ASP D 110 -14.07 -16.27 -26.02
N VAL D 111 -14.93 -17.16 -26.53
CA VAL D 111 -15.51 -17.10 -27.89
C VAL D 111 -17.00 -16.76 -27.77
N TRP D 112 -17.36 -15.52 -28.13
CA TRP D 112 -18.75 -14.97 -28.05
C TRP D 112 -19.47 -15.18 -29.39
N GLY D 113 -20.80 -15.01 -29.40
CA GLY D 113 -21.65 -15.13 -30.60
C GLY D 113 -21.90 -13.79 -31.26
N GLN D 114 -22.62 -13.80 -32.38
CA GLN D 114 -22.93 -12.58 -33.19
C GLN D 114 -24.12 -11.85 -32.55
N GLY D 115 -25.13 -12.61 -32.10
CA GLY D 115 -26.28 -12.11 -31.33
C GLY D 115 -27.55 -12.04 -32.18
N ALA D 116 -28.65 -12.60 -31.66
CA ALA D 116 -30.01 -12.55 -32.26
C ALA D 116 -30.75 -11.32 -31.74
N GLN D 117 -31.95 -11.04 -32.27
CA GLN D 117 -32.75 -9.83 -31.95
C GLN D 117 -33.96 -10.19 -31.09
N VAL D 118 -34.62 -11.31 -31.41
CA VAL D 118 -35.83 -11.87 -30.71
C VAL D 118 -36.61 -10.74 -30.02
N THR D 119 -37.31 -9.91 -30.79
CA THR D 119 -38.22 -8.85 -30.32
C THR D 119 -39.63 -9.44 -30.13
N VAL D 120 -40.29 -9.12 -29.01
CA VAL D 120 -41.64 -9.66 -28.65
C VAL D 120 -42.64 -8.50 -28.62
N SER D 121 -43.04 -8.02 -29.80
CA SER D 121 -43.98 -6.89 -30.01
C SER D 121 -45.41 -7.43 -30.22
N SER D 122 -46.34 -6.56 -30.62
CA SER D 122 -47.76 -6.89 -30.89
C SER D 122 -48.32 -5.95 -31.97
C1 NAG E . 37.88 -0.36 9.01
C2 NAG E . 38.53 1.00 8.85
C3 NAG E . 38.92 1.62 10.19
C4 NAG E . 39.54 0.61 11.17
C5 NAG E . 38.80 -0.73 11.25
C6 NAG E . 37.52 -0.65 12.08
C7 NAG E . 39.63 0.83 6.66
C8 NAG E . 40.94 0.72 5.93
N2 NAG E . 39.71 0.89 7.99
O3 NAG E . 37.78 2.23 10.80
O4 NAG E . 40.90 0.38 10.79
O5 NAG E . 38.51 -1.25 9.94
O6 NAG E . 37.53 -1.67 13.07
O7 NAG E . 38.57 0.86 6.05
C1 NAG F . -24.50 -7.14 7.26
C2 NAG F . -24.37 -5.89 8.15
C3 NAG F . -24.45 -6.12 9.66
C4 NAG F . -25.37 -7.28 10.01
C5 NAG F . -24.93 -8.50 9.24
C6 NAG F . -25.71 -9.75 9.65
C7 NAG F . -22.95 -4.10 7.22
C8 NAG F . -21.54 -3.66 6.98
N2 NAG F . -23.09 -5.27 7.85
O3 NAG F . -24.92 -4.92 10.29
O4 NAG F . -25.34 -7.51 11.42
O5 NAG F . -25.17 -8.25 7.86
O6 NAG F . -25.43 -10.82 8.75
O7 NAG F . -23.90 -3.44 6.83
#